data_1I4Y
#
_entry.id   1I4Y
#
_cell.length_a   55.428
_cell.length_b   130.637
_cell.length_c   73.040
_cell.angle_alpha   90.00
_cell.angle_beta   99.12
_cell.angle_gamma   90.00
#
_symmetry.space_group_name_H-M   'P 1 21 1'
#
loop_
_entity.id
_entity.type
_entity.pdbx_description
1 polymer METHEMERYTHRIN
2 non-polymer 'CHLORIDE ION'
3 non-polymer MU-OXO-DIIRON
4 water water
#
_entity_poly.entity_id   1
_entity_poly.type   'polypeptide(L)'
_entity_poly.pdbx_seq_one_letter_code
;MGFPIPDPYVWDPSFRTFYSIIDDEHKTLFNGIFHLAIDDNADNLGELRRCTGKHFLNEQVLMQASQYQFYDEHKKEHET
FIHALDNWKGDVKWAKSWLVNHIKTIDFKYKGKI
;
_entity_poly.pdbx_strand_id   A,B,C,D,E,F,G,H
#
loop_
_chem_comp.id
_chem_comp.type
_chem_comp.name
_chem_comp.formula
CL non-polymer 'CHLORIDE ION' 'Cl -1'
FEO non-polymer MU-OXO-DIIRON 'Fe2 O'
#
# COMPACT_ATOMS: atom_id res chain seq x y z
N GLY A 2 -7.80 35.54 -17.49
CA GLY A 2 -7.01 36.80 -17.29
C GLY A 2 -5.52 36.51 -17.27
N PHE A 3 -5.17 35.30 -16.89
CA PHE A 3 -3.78 34.87 -16.82
C PHE A 3 -3.23 34.66 -18.23
N PRO A 4 -1.92 34.89 -18.43
CA PRO A 4 -1.34 34.69 -19.75
C PRO A 4 -1.30 33.20 -20.13
N ILE A 5 -1.54 32.92 -21.41
CA ILE A 5 -1.53 31.55 -21.93
C ILE A 5 -0.08 31.28 -22.35
N PRO A 6 0.59 30.33 -21.70
CA PRO A 6 1.98 30.00 -22.05
C PRO A 6 2.19 29.68 -23.53
N ASP A 7 3.28 30.20 -24.08
CA ASP A 7 3.65 29.95 -25.47
C ASP A 7 5.18 29.86 -25.55
N PRO A 8 5.71 28.64 -25.78
CA PRO A 8 5.02 27.36 -25.98
C PRO A 8 4.17 26.95 -24.77
N TYR A 9 3.07 26.25 -25.04
CA TYR A 9 2.15 25.81 -23.98
C TYR A 9 2.78 24.73 -23.13
N VAL A 10 3.48 25.16 -22.09
CA VAL A 10 4.16 24.25 -21.20
C VAL A 10 4.00 24.75 -19.76
N TRP A 11 4.10 23.83 -18.80
CA TRP A 11 3.99 24.17 -17.38
C TRP A 11 5.18 25.04 -17.04
N ASP A 12 5.03 25.89 -16.02
CA ASP A 12 6.13 26.74 -15.55
C ASP A 12 5.89 26.95 -14.06
N PRO A 13 6.94 27.30 -13.31
CA PRO A 13 6.86 27.53 -11.85
C PRO A 13 5.73 28.41 -11.29
N SER A 14 5.16 29.32 -12.08
CA SER A 14 4.08 30.18 -11.57
C SER A 14 2.80 29.39 -11.30
N PHE A 15 2.77 28.14 -11.78
CA PHE A 15 1.63 27.26 -11.61
C PHE A 15 1.77 26.33 -10.40
N ARG A 16 2.87 26.50 -9.68
CA ARG A 16 3.20 25.68 -8.53
C ARG A 16 2.18 25.73 -7.37
N THR A 17 1.70 24.55 -6.99
CA THR A 17 0.75 24.40 -5.87
C THR A 17 1.52 23.97 -4.61
N PHE A 18 2.75 23.54 -4.80
CA PHE A 18 3.65 23.07 -3.74
C PHE A 18 3.42 21.64 -3.28
N TYR A 19 2.69 20.88 -4.09
CA TYR A 19 2.42 19.47 -3.85
C TYR A 19 3.14 18.83 -5.04
N SER A 20 4.29 18.21 -4.77
CA SER A 20 5.12 17.59 -5.80
C SER A 20 4.29 16.68 -6.73
N ILE A 21 3.47 15.75 -6.18
CA ILE A 21 2.78 14.84 -7.15
C ILE A 21 1.85 15.67 -8.03
N ILE A 22 1.15 16.64 -7.47
CA ILE A 22 0.19 17.44 -8.21
C ILE A 22 0.88 18.24 -9.31
N ASP A 23 1.97 18.91 -8.95
CA ASP A 23 2.71 19.72 -9.93
C ASP A 23 3.22 18.89 -11.10
N ASP A 24 3.69 17.68 -10.80
CA ASP A 24 4.20 16.78 -11.83
C ASP A 24 3.08 16.31 -12.75
N GLU A 25 1.90 16.07 -12.19
CA GLU A 25 0.77 15.65 -13.02
C GLU A 25 0.33 16.82 -13.87
N HIS A 26 0.32 18.03 -13.31
CA HIS A 26 -0.05 19.22 -14.08
C HIS A 26 0.85 19.39 -15.31
N LYS A 27 2.13 19.07 -15.16
CA LYS A 27 3.09 19.16 -16.27
C LYS A 27 2.64 18.27 -17.43
N THR A 28 2.10 17.10 -17.10
CA THR A 28 1.62 16.18 -18.13
C THR A 28 0.43 16.76 -18.90
N LEU A 29 -0.45 17.50 -18.21
CA LEU A 29 -1.64 18.11 -18.84
C LEU A 29 -1.25 19.20 -19.86
N PHE A 30 -0.26 20.02 -19.50
CA PHE A 30 0.21 21.07 -20.40
C PHE A 30 0.76 20.42 -21.67
N ASN A 31 1.59 19.39 -21.47
CA ASN A 31 2.17 18.68 -22.61
C ASN A 31 1.11 18.04 -23.48
N GLY A 32 0.09 17.46 -22.85
CA GLY A 32 -0.98 16.83 -23.60
C GLY A 32 -1.70 17.83 -24.50
N ILE A 33 -2.00 19.02 -23.96
CA ILE A 33 -2.67 20.04 -24.75
C ILE A 33 -1.74 20.57 -25.85
N PHE A 34 -0.45 20.69 -25.54
CA PHE A 34 0.56 21.15 -26.48
C PHE A 34 0.49 20.40 -27.83
N HIS A 35 0.45 19.07 -27.76
CA HIS A 35 0.40 18.26 -28.97
C HIS A 35 -0.95 18.27 -29.65
N LEU A 36 -2.02 18.38 -28.85
CA LEU A 36 -3.37 18.44 -29.38
C LEU A 36 -3.44 19.62 -30.36
N ALA A 37 -2.82 20.74 -29.98
CA ALA A 37 -2.80 21.95 -30.79
C ALA A 37 -2.10 21.75 -32.13
N ILE A 38 -1.08 20.89 -32.16
CA ILE A 38 -0.32 20.62 -33.39
C ILE A 38 -1.05 19.58 -34.26
N ASP A 39 -1.47 18.49 -33.64
CA ASP A 39 -2.19 17.44 -34.35
C ASP A 39 -3.38 17.05 -33.49
N ASP A 40 -4.54 17.56 -33.89
CA ASP A 40 -5.78 17.29 -33.18
C ASP A 40 -6.32 15.92 -33.61
N ASN A 41 -5.71 14.85 -33.09
CA ASN A 41 -6.14 13.49 -33.41
C ASN A 41 -6.52 12.63 -32.19
N ALA A 42 -7.03 11.43 -32.46
CA ALA A 42 -7.45 10.52 -31.40
C ALA A 42 -6.36 10.15 -30.41
N ASP A 43 -5.16 9.88 -30.94
CA ASP A 43 -4.02 9.50 -30.10
C ASP A 43 -3.58 10.58 -29.13
N ASN A 44 -3.53 11.83 -29.61
CA ASN A 44 -3.13 12.95 -28.78
C ASN A 44 -4.22 13.31 -27.78
N LEU A 45 -5.48 13.12 -28.18
CA LEU A 45 -6.59 13.40 -27.28
C LEU A 45 -6.58 12.32 -26.20
N GLY A 46 -6.32 11.08 -26.61
CA GLY A 46 -6.27 9.96 -25.69
C GLY A 46 -5.23 10.12 -24.59
N GLU A 47 -4.07 10.65 -24.97
CA GLU A 47 -2.98 10.87 -24.03
C GLU A 47 -3.40 11.89 -22.98
N LEU A 48 -3.96 13.01 -23.45
CA LEU A 48 -4.45 14.07 -22.58
C LEU A 48 -5.59 13.53 -21.72
N ARG A 49 -6.50 12.80 -22.35
CA ARG A 49 -7.64 12.22 -21.65
C ARG A 49 -7.22 11.31 -20.49
N ARG A 50 -6.22 10.46 -20.72
CA ARG A 50 -5.72 9.57 -19.69
C ARG A 50 -5.08 10.38 -18.57
N CYS A 51 -4.15 11.27 -18.94
CA CYS A 51 -3.48 12.09 -17.93
C CYS A 51 -4.44 12.97 -17.17
N THR A 52 -5.50 13.45 -17.84
CA THR A 52 -6.49 14.31 -17.21
C THR A 52 -7.39 13.49 -16.25
N GLY A 53 -7.85 12.32 -16.71
CA GLY A 53 -8.68 11.47 -15.89
C GLY A 53 -7.92 11.03 -14.65
N LYS A 54 -6.65 10.66 -14.85
CA LYS A 54 -5.82 10.22 -13.72
C LYS A 54 -5.53 11.34 -12.74
N HIS A 55 -5.12 12.50 -13.27
CA HIS A 55 -4.81 13.63 -12.42
C HIS A 55 -6.01 14.06 -11.58
N PHE A 56 -7.15 14.31 -12.21
CA PHE A 56 -8.36 14.71 -11.49
C PHE A 56 -8.72 13.73 -10.37
N LEU A 57 -8.70 12.43 -10.68
CA LEU A 57 -9.02 11.43 -9.67
C LEU A 57 -8.03 11.52 -8.50
N ASN A 58 -6.72 11.54 -8.81
CA ASN A 58 -5.68 11.60 -7.79
C ASN A 58 -5.77 12.86 -6.93
N GLU A 59 -6.04 13.99 -7.58
CA GLU A 59 -6.17 15.27 -6.89
C GLU A 59 -7.42 15.24 -6.00
N GLN A 60 -8.50 14.65 -6.51
CA GLN A 60 -9.73 14.51 -5.74
C GLN A 60 -9.47 13.67 -4.49
N VAL A 61 -8.75 12.56 -4.65
CA VAL A 61 -8.41 11.71 -3.52
C VAL A 61 -7.61 12.47 -2.47
N LEU A 62 -6.69 13.32 -2.91
CA LEU A 62 -5.88 14.11 -1.98
C LEU A 62 -6.75 15.16 -1.27
N MET A 63 -7.69 15.76 -2.00
CA MET A 63 -8.58 16.74 -1.40
C MET A 63 -9.47 16.02 -0.38
N GLN A 64 -9.94 14.82 -0.72
CA GLN A 64 -10.78 14.06 0.20
C GLN A 64 -10.04 13.63 1.46
N ALA A 65 -8.74 13.38 1.33
CA ALA A 65 -7.89 12.95 2.45
C ALA A 65 -7.88 13.91 3.62
N SER A 66 -8.13 15.19 3.34
CA SER A 66 -8.21 16.22 4.38
C SER A 66 -9.61 16.81 4.40
N GLN A 67 -10.56 16.12 3.76
CA GLN A 67 -11.95 16.53 3.67
C GLN A 67 -12.02 18.01 3.26
N TYR A 68 -11.35 18.30 2.14
CA TYR A 68 -11.29 19.65 1.60
C TYR A 68 -12.66 20.30 1.49
N GLN A 69 -12.81 21.46 2.08
CA GLN A 69 -14.04 22.25 2.27
C GLN A 69 -14.69 22.50 0.91
N PHE A 70 -13.98 22.81 -0.13
CA PHE A 70 -14.59 23.13 -1.41
C PHE A 70 -14.48 22.03 -2.45
N TYR A 71 -14.45 20.79 -1.97
CA TYR A 71 -14.35 19.63 -2.83
C TYR A 71 -15.44 19.55 -3.90
N ASP A 72 -16.71 19.70 -3.51
CA ASP A 72 -17.83 19.61 -4.45
C ASP A 72 -17.75 20.55 -5.65
N GLU A 73 -17.47 21.82 -5.38
CA GLU A 73 -17.36 22.79 -6.46
C GLU A 73 -16.18 22.43 -7.37
N HIS A 74 -15.11 21.93 -6.78
CA HIS A 74 -13.91 21.54 -7.51
C HIS A 74 -14.20 20.37 -8.42
N LYS A 75 -14.86 19.35 -7.88
CA LYS A 75 -15.22 18.16 -8.64
C LYS A 75 -16.10 18.50 -9.85
N LYS A 76 -16.98 19.49 -9.70
CA LYS A 76 -17.87 19.91 -10.79
C LYS A 76 -17.04 20.52 -11.94
N GLU A 77 -15.97 21.22 -11.58
CA GLU A 77 -15.08 21.82 -12.56
C GLU A 77 -14.39 20.72 -13.34
N HIS A 78 -13.90 19.71 -12.62
CA HIS A 78 -13.23 18.56 -13.25
C HIS A 78 -14.13 17.87 -14.27
N GLU A 79 -15.38 17.59 -13.87
CA GLU A 79 -16.35 16.93 -14.74
C GLU A 79 -16.64 17.73 -16.01
N THR A 80 -16.60 19.05 -15.90
CA THR A 80 -16.83 19.91 -17.05
C THR A 80 -15.75 19.71 -18.08
N PHE A 81 -14.50 19.72 -17.65
CA PHE A 81 -13.38 19.52 -18.56
C PHE A 81 -13.40 18.12 -19.17
N ILE A 82 -13.62 17.09 -18.34
CA ILE A 82 -13.67 15.71 -18.85
C ILE A 82 -14.77 15.59 -19.91
N HIS A 83 -15.90 16.24 -19.66
CA HIS A 83 -17.04 16.23 -20.59
C HIS A 83 -16.65 16.82 -21.93
N ALA A 84 -15.88 17.90 -21.90
CA ALA A 84 -15.42 18.57 -23.12
C ALA A 84 -14.50 17.62 -23.88
N LEU A 85 -13.60 16.97 -23.15
CA LEU A 85 -12.66 16.02 -23.74
C LEU A 85 -13.42 14.85 -24.36
N ASP A 86 -14.49 14.40 -23.69
CA ASP A 86 -15.30 13.29 -24.19
C ASP A 86 -16.30 13.64 -25.29
N ASN A 87 -16.47 14.94 -25.52
CA ASN A 87 -17.35 15.46 -26.58
C ASN A 87 -16.52 16.54 -27.28
N TRP A 88 -15.30 16.16 -27.65
CA TRP A 88 -14.32 17.05 -28.28
C TRP A 88 -14.75 17.67 -29.60
N LYS A 89 -14.60 18.99 -29.69
CA LYS A 89 -14.96 19.75 -30.90
C LYS A 89 -13.75 20.48 -31.48
N GLY A 90 -12.55 20.12 -31.02
CA GLY A 90 -11.33 20.73 -31.51
C GLY A 90 -10.96 22.14 -31.06
N ASP A 91 -11.60 22.65 -30.02
CA ASP A 91 -11.30 23.99 -29.53
C ASP A 91 -10.13 23.94 -28.55
N VAL A 92 -8.92 23.94 -29.12
CA VAL A 92 -7.67 23.88 -28.34
C VAL A 92 -7.47 25.18 -27.55
N LYS A 93 -7.84 26.31 -28.15
CA LYS A 93 -7.70 27.60 -27.49
C LYS A 93 -8.48 27.61 -26.18
N TRP A 94 -9.71 27.08 -26.20
CA TRP A 94 -10.53 27.01 -24.99
C TRP A 94 -9.86 26.12 -23.93
N ALA A 95 -9.38 24.96 -24.35
CA ALA A 95 -8.72 24.01 -23.44
C ALA A 95 -7.49 24.62 -22.76
N LYS A 96 -6.67 25.33 -23.56
CA LYS A 96 -5.46 25.99 -23.06
C LYS A 96 -5.82 26.95 -21.94
N SER A 97 -6.86 27.74 -22.17
CA SER A 97 -7.33 28.71 -21.19
C SER A 97 -8.03 28.03 -20.01
N TRP A 98 -8.75 26.95 -20.28
CA TRP A 98 -9.44 26.25 -19.19
C TRP A 98 -8.45 25.75 -18.14
N LEU A 99 -7.41 25.05 -18.59
CA LEU A 99 -6.39 24.50 -17.70
C LEU A 99 -5.66 25.57 -16.92
N VAL A 100 -5.20 26.60 -17.62
CA VAL A 100 -4.48 27.72 -16.99
C VAL A 100 -5.31 28.29 -15.85
N ASN A 101 -6.56 28.63 -16.16
CA ASN A 101 -7.47 29.19 -15.17
C ASN A 101 -7.88 28.22 -14.08
N HIS A 102 -8.04 26.93 -14.42
CA HIS A 102 -8.40 25.94 -13.41
C HIS A 102 -7.31 25.80 -12.35
N ILE A 103 -6.04 25.76 -12.78
CA ILE A 103 -4.96 25.62 -11.83
C ILE A 103 -4.81 26.87 -10.99
N LYS A 104 -4.64 28.02 -11.64
CA LYS A 104 -4.45 29.26 -10.89
C LYS A 104 -5.62 29.79 -10.05
N THR A 105 -6.85 29.45 -10.40
CA THR A 105 -7.97 29.95 -9.62
C THR A 105 -8.64 28.90 -8.75
N ILE A 106 -8.79 27.68 -9.28
CA ILE A 106 -9.43 26.59 -8.52
C ILE A 106 -8.45 25.73 -7.74
N ASP A 107 -7.40 25.22 -8.38
CA ASP A 107 -6.44 24.39 -7.67
C ASP A 107 -5.73 25.17 -6.60
N PHE A 108 -5.38 26.42 -6.90
CA PHE A 108 -4.67 27.27 -5.93
C PHE A 108 -5.46 27.47 -4.65
N LYS A 109 -6.78 27.23 -4.72
CA LYS A 109 -7.62 27.37 -3.53
C LYS A 109 -7.32 26.32 -2.47
N TYR A 110 -6.88 25.13 -2.88
CA TYR A 110 -6.58 24.10 -1.88
C TYR A 110 -5.21 24.19 -1.23
N LYS A 111 -4.38 25.14 -1.68
CA LYS A 111 -3.03 25.32 -1.11
C LYS A 111 -3.05 25.37 0.42
N GLY A 112 -2.24 24.52 1.05
CA GLY A 112 -2.15 24.49 2.50
C GLY A 112 -3.33 23.84 3.20
N LYS A 113 -4.27 23.31 2.42
CA LYS A 113 -5.44 22.67 3.01
C LYS A 113 -5.54 21.17 2.78
N ILE A 114 -4.64 20.60 1.99
CA ILE A 114 -4.68 19.16 1.71
C ILE A 114 -3.30 18.48 1.76
N GLY B 2 20.71 30.05 15.54
CA GLY B 2 20.48 31.45 15.93
C GLY B 2 19.04 31.91 15.76
N PHE B 3 18.10 30.98 15.92
CA PHE B 3 16.67 31.27 15.80
C PHE B 3 16.05 31.31 17.20
N PRO B 4 14.86 31.93 17.34
CA PRO B 4 14.23 31.99 18.66
C PRO B 4 13.70 30.63 19.15
N ILE B 5 13.80 30.42 20.46
CA ILE B 5 13.32 29.21 21.09
C ILE B 5 11.89 29.55 21.52
N PRO B 6 10.89 28.95 20.86
CA PRO B 6 9.51 29.25 21.23
C PRO B 6 9.15 28.95 22.68
N ASP B 7 8.39 29.86 23.27
CA ASP B 7 7.94 29.77 24.65
C ASP B 7 6.47 30.21 24.65
N PRO B 8 5.53 29.28 24.93
CA PRO B 8 5.73 27.86 25.22
C PRO B 8 6.32 27.11 24.03
N TYR B 9 7.05 26.03 24.32
CA TYR B 9 7.70 25.24 23.28
C TYR B 9 6.69 24.43 22.48
N VAL B 10 6.20 25.07 21.43
CA VAL B 10 5.18 24.51 20.54
C VAL B 10 5.54 24.86 19.08
N TRP B 11 5.15 23.99 18.16
CA TRP B 11 5.39 24.22 16.73
C TRP B 11 4.63 25.47 16.28
N ASP B 12 5.19 26.24 15.36
CA ASP B 12 4.49 27.41 14.81
C ASP B 12 4.77 27.45 13.31
N PRO B 13 3.91 28.13 12.53
CA PRO B 13 4.05 28.23 11.06
C PRO B 13 5.39 28.67 10.46
N SER B 14 6.27 29.29 11.26
CA SER B 14 7.58 29.72 10.74
C SER B 14 8.47 28.50 10.46
N PHE B 15 8.10 27.36 11.04
CA PHE B 15 8.81 26.08 10.86
C PHE B 15 8.26 25.25 9.71
N ARG B 16 7.25 25.79 9.02
CA ARG B 16 6.60 25.12 7.91
C ARG B 16 7.52 24.73 6.75
N THR B 17 7.55 23.44 6.41
CA THR B 17 8.35 22.94 5.29
C THR B 17 7.52 22.86 4.03
N PHE B 18 6.21 22.97 4.20
CA PHE B 18 5.22 22.89 3.11
C PHE B 18 4.92 21.44 2.69
N TYR B 19 5.35 20.49 3.54
CA TYR B 19 5.06 19.07 3.33
C TYR B 19 4.14 18.80 4.52
N SER B 20 2.84 18.79 4.27
CA SER B 20 1.81 18.58 5.29
C SER B 20 2.09 17.49 6.32
N ILE B 21 2.47 16.30 5.86
CA ILE B 21 2.74 15.19 6.77
C ILE B 21 3.97 15.43 7.62
N ILE B 22 5.03 15.97 7.00
CA ILE B 22 6.26 16.31 7.72
C ILE B 22 5.96 17.35 8.78
N ASP B 23 5.23 18.40 8.42
CA ASP B 23 4.90 19.46 9.37
C ASP B 23 4.14 18.93 10.58
N ASP B 24 3.22 18.00 10.34
CA ASP B 24 2.44 17.41 11.42
C ASP B 24 3.31 16.58 12.33
N GLU B 25 4.31 15.92 11.74
CA GLU B 25 5.23 15.13 12.54
C GLU B 25 6.08 16.06 13.39
N HIS B 26 6.47 17.19 12.81
CA HIS B 26 7.26 18.18 13.57
C HIS B 26 6.49 18.66 14.78
N LYS B 27 5.18 18.88 14.63
CA LYS B 27 4.32 19.32 15.73
C LYS B 27 4.45 18.38 16.93
N THR B 28 4.53 17.06 16.66
CA THR B 28 4.65 16.07 17.73
C THR B 28 5.99 16.17 18.46
N LEU B 29 7.06 16.49 17.73
CA LEU B 29 8.38 16.60 18.33
C LEU B 29 8.44 17.76 19.33
N PHE B 30 7.80 18.87 18.96
CA PHE B 30 7.77 20.05 19.85
C PHE B 30 7.01 19.70 21.13
N ASN B 31 5.88 19.00 20.97
CA ASN B 31 5.07 18.60 22.13
C ASN B 31 5.85 17.66 23.05
N GLY B 32 6.53 16.67 22.47
CA GLY B 32 7.33 15.74 23.25
C GLY B 32 8.37 16.44 24.11
N ILE B 33 9.08 17.40 23.52
CA ILE B 33 10.09 18.15 24.27
C ILE B 33 9.42 19.04 25.30
N PHE B 34 8.27 19.62 24.95
CA PHE B 34 7.50 20.48 25.86
C PHE B 34 7.27 19.78 27.20
N HIS B 35 6.78 18.55 27.15
CA HIS B 35 6.52 17.81 28.39
C HIS B 35 7.78 17.33 29.08
N LEU B 36 8.79 17.00 28.31
CA LEU B 36 10.06 16.54 28.84
C LEU B 36 10.67 17.65 29.71
N ALA B 37 10.38 18.90 29.36
CA ALA B 37 10.89 20.05 30.13
C ALA B 37 10.17 20.19 31.46
N ILE B 38 8.89 19.84 31.48
CA ILE B 38 8.10 19.93 32.71
C ILE B 38 8.37 18.73 33.63
N ASP B 39 8.28 17.53 33.07
CA ASP B 39 8.50 16.29 33.82
C ASP B 39 9.47 15.42 33.02
N ASP B 40 10.75 15.55 33.35
CA ASP B 40 11.81 14.82 32.66
C ASP B 40 11.89 13.38 33.15
N ASN B 41 10.94 12.56 32.71
CA ASN B 41 10.90 11.14 33.10
C ASN B 41 10.97 10.18 31.93
N ALA B 42 10.90 8.88 32.24
CA ALA B 42 10.97 7.83 31.23
C ALA B 42 9.81 7.83 30.24
N ASP B 43 8.59 8.04 30.74
CA ASP B 43 7.39 8.07 29.92
C ASP B 43 7.41 9.19 28.88
N ASN B 44 7.79 10.39 29.29
CA ASN B 44 7.83 11.52 28.35
C ASN B 44 8.97 11.35 27.35
N LEU B 45 10.10 10.83 27.82
CA LEU B 45 11.23 10.60 26.92
C LEU B 45 10.82 9.59 25.85
N GLY B 46 10.09 8.55 26.27
CA GLY B 46 9.62 7.52 25.36
C GLY B 46 8.67 8.04 24.31
N GLU B 47 7.82 9.00 24.69
CA GLU B 47 6.87 9.58 23.75
C GLU B 47 7.64 10.32 22.67
N LEU B 48 8.59 11.15 23.12
CA LEU B 48 9.43 11.93 22.23
C LEU B 48 10.25 10.97 21.36
N ARG B 49 10.91 10.01 22.00
CA ARG B 49 11.72 9.01 21.32
C ARG B 49 10.96 8.28 20.20
N ARG B 50 9.71 7.92 20.47
CA ARG B 50 8.87 7.23 19.49
C ARG B 50 8.60 8.16 18.32
N CYS B 51 8.07 9.34 18.63
CA CYS B 51 7.75 10.34 17.60
C CYS B 51 9.00 10.74 16.80
N THR B 52 10.14 10.84 17.49
CA THR B 52 11.39 11.20 16.82
C THR B 52 11.88 10.10 15.88
N GLY B 53 11.93 8.87 16.37
CA GLY B 53 12.37 7.76 15.54
C GLY B 53 11.49 7.59 14.32
N LYS B 54 10.19 7.73 14.53
CA LYS B 54 9.20 7.61 13.47
C LYS B 54 9.33 8.75 12.45
N HIS B 55 9.45 9.98 12.94
CA HIS B 55 9.59 11.13 12.04
C HIS B 55 10.85 11.02 11.21
N PHE B 56 11.99 10.85 11.88
CA PHE B 56 13.28 10.74 11.18
C PHE B 56 13.24 9.67 10.09
N LEU B 57 12.69 8.50 10.40
CA LEU B 57 12.59 7.42 9.42
C LEU B 57 11.68 7.82 8.25
N ASN B 58 10.53 8.39 8.56
CA ASN B 58 9.58 8.81 7.52
C ASN B 58 10.18 9.90 6.66
N GLU B 59 10.84 10.86 7.28
CA GLU B 59 11.44 11.96 6.54
C GLU B 59 12.57 11.45 5.66
N GLN B 60 13.30 10.46 6.16
CA GLN B 60 14.39 9.85 5.41
C GLN B 60 13.83 9.16 4.17
N VAL B 61 12.70 8.47 4.34
CA VAL B 61 12.02 7.77 3.24
C VAL B 61 11.57 8.77 2.14
N LEU B 62 11.02 9.91 2.55
CA LEU B 62 10.59 10.92 1.57
C LEU B 62 11.81 11.55 0.87
N MET B 63 12.90 11.71 1.62
CA MET B 63 14.12 12.27 1.01
C MET B 63 14.67 11.28 -0.01
N GLN B 64 14.66 9.99 0.34
CA GLN B 64 15.12 8.95 -0.56
C GLN B 64 14.23 8.81 -1.79
N ALA B 65 12.94 9.10 -1.63
CA ALA B 65 11.98 8.97 -2.72
C ALA B 65 12.36 9.83 -3.94
N SER B 66 13.07 10.93 -3.70
CA SER B 66 13.52 11.81 -4.78
C SER B 66 15.05 11.82 -4.81
N GLN B 67 15.66 10.86 -4.13
CA GLN B 67 17.12 10.74 -4.04
C GLN B 67 17.76 12.08 -3.67
N TYR B 68 17.25 12.67 -2.59
CA TYR B 68 17.71 13.94 -2.07
C TYR B 68 19.23 14.02 -2.02
N GLN B 69 19.77 15.02 -2.71
CA GLN B 69 21.22 15.23 -2.79
C GLN B 69 21.95 15.23 -1.46
N PHE B 70 21.39 15.87 -0.44
CA PHE B 70 22.06 15.95 0.86
C PHE B 70 21.54 15.01 1.94
N TYR B 71 21.10 13.83 1.52
CA TYR B 71 20.57 12.81 2.42
C TYR B 71 21.58 12.33 3.45
N ASP B 72 22.80 12.00 3.02
CA ASP B 72 23.81 11.49 3.94
C ASP B 72 24.11 12.40 5.11
N GLU B 73 24.32 13.69 4.85
CA GLU B 73 24.62 14.63 5.95
C GLU B 73 23.37 14.78 6.81
N HIS B 74 22.19 14.77 6.19
CA HIS B 74 20.95 14.91 6.94
C HIS B 74 20.77 13.72 7.90
N LYS B 75 20.97 12.50 7.39
CA LYS B 75 20.84 11.31 8.20
C LYS B 75 21.77 11.30 9.43
N LYS B 76 22.99 11.82 9.27
CA LYS B 76 23.94 11.87 10.38
C LYS B 76 23.43 12.81 11.48
N GLU B 77 22.73 13.87 11.08
CA GLU B 77 22.17 14.81 12.05
C GLU B 77 21.09 14.06 12.84
N HIS B 78 20.22 13.36 12.12
CA HIS B 78 19.17 12.57 12.73
C HIS B 78 19.73 11.59 13.76
N GLU B 79 20.83 10.94 13.41
CA GLU B 79 21.47 9.96 14.29
C GLU B 79 22.00 10.57 15.59
N THR B 80 22.55 11.79 15.50
CA THR B 80 23.05 12.49 16.68
C THR B 80 21.98 12.82 17.69
N PHE B 81 20.81 13.24 17.21
CA PHE B 81 19.70 13.55 18.12
C PHE B 81 19.21 12.25 18.78
N ILE B 82 19.06 11.19 17.98
CA ILE B 82 18.61 9.88 18.48
C ILE B 82 19.57 9.39 19.54
N HIS B 83 20.86 9.53 19.28
CA HIS B 83 21.89 9.11 20.21
C HIS B 83 21.78 9.88 21.52
N ALA B 84 21.47 11.16 21.41
CA ALA B 84 21.30 12.01 22.58
C ALA B 84 20.08 11.56 23.40
N LEU B 85 19.00 11.17 22.72
CA LEU B 85 17.80 10.70 23.39
C LEU B 85 18.01 9.34 24.03
N ASP B 86 18.87 8.52 23.43
CA ASP B 86 19.17 7.18 23.95
C ASP B 86 20.23 7.19 25.04
N ASN B 87 20.87 8.34 25.25
CA ASN B 87 21.89 8.49 26.29
C ASN B 87 21.53 9.82 26.94
N TRP B 88 20.24 9.95 27.25
CA TRP B 88 19.67 11.15 27.83
C TRP B 88 20.26 11.55 29.19
N LYS B 89 20.79 12.76 29.22
CA LYS B 89 21.41 13.33 30.41
C LYS B 89 20.59 14.49 30.97
N GLY B 90 19.39 14.69 30.45
CA GLY B 90 18.52 15.75 30.95
C GLY B 90 18.72 17.17 30.45
N ASP B 91 19.45 17.36 29.36
CA ASP B 91 19.67 18.71 28.84
C ASP B 91 18.49 19.06 27.93
N VAL B 92 17.42 19.56 28.54
CA VAL B 92 16.22 19.95 27.79
C VAL B 92 16.45 21.22 26.95
N LYS B 93 17.28 22.12 27.46
CA LYS B 93 17.57 23.36 26.74
C LYS B 93 18.28 23.04 25.42
N TRP B 94 19.21 22.09 25.47
CA TRP B 94 19.95 21.66 24.28
C TRP B 94 18.98 21.09 23.26
N ALA B 95 18.13 20.15 23.70
CA ALA B 95 17.15 19.51 22.83
C ALA B 95 16.24 20.54 22.18
N LYS B 96 15.80 21.52 22.98
CA LYS B 96 14.95 22.58 22.46
C LYS B 96 15.63 23.30 21.32
N SER B 97 16.87 23.72 21.53
CA SER B 97 17.63 24.41 20.49
C SER B 97 18.03 23.50 19.34
N TRP B 98 18.22 22.20 19.61
CA TRP B 98 18.60 21.27 18.55
C TRP B 98 17.48 21.14 17.53
N LEU B 99 16.27 20.90 18.01
CA LEU B 99 15.11 20.73 17.12
C LEU B 99 14.82 22.00 16.33
N VAL B 100 14.90 23.15 16.99
CA VAL B 100 14.65 24.42 16.31
C VAL B 100 15.63 24.62 15.15
N ASN B 101 16.92 24.44 15.42
CA ASN B 101 17.96 24.61 14.41
C ASN B 101 17.93 23.53 13.34
N HIS B 102 17.63 22.28 13.73
CA HIS B 102 17.59 21.21 12.74
C HIS B 102 16.51 21.50 11.71
N ILE B 103 15.33 21.89 12.16
CA ILE B 103 14.26 22.16 11.21
C ILE B 103 14.56 23.35 10.31
N LYS B 104 14.90 24.49 10.91
CA LYS B 104 15.15 25.69 10.13
C LYS B 104 16.41 25.74 9.27
N THR B 105 17.42 24.93 9.60
CA THR B 105 18.65 24.94 8.82
C THR B 105 18.89 23.68 8.01
N ILE B 106 18.51 22.52 8.56
CA ILE B 106 18.73 21.25 7.87
C ILE B 106 17.51 20.77 7.10
N ASP B 107 16.35 20.79 7.73
CA ASP B 107 15.12 20.36 7.07
C ASP B 107 14.71 21.31 5.97
N PHE B 108 14.95 22.60 6.19
CA PHE B 108 14.58 23.57 5.16
C PHE B 108 15.35 23.35 3.86
N LYS B 109 16.51 22.71 3.95
CA LYS B 109 17.33 22.44 2.76
C LYS B 109 16.63 21.57 1.73
N TYR B 110 15.70 20.71 2.18
CA TYR B 110 14.98 19.85 1.24
C TYR B 110 13.71 20.47 0.62
N LYS B 111 13.39 21.72 0.98
CA LYS B 111 12.21 22.38 0.46
C LYS B 111 12.20 22.43 -1.06
N GLY B 112 11.17 21.85 -1.65
CA GLY B 112 11.03 21.82 -3.09
C GLY B 112 11.91 20.77 -3.76
N LYS B 113 12.59 19.95 -2.97
CA LYS B 113 13.46 18.92 -3.50
C LYS B 113 13.00 17.49 -3.26
N ILE B 114 11.97 17.32 -2.43
CA ILE B 114 11.43 15.99 -2.16
C ILE B 114 9.91 15.94 -2.20
N GLY C 2 -16.56 19.03 31.49
CA GLY C 2 -16.12 19.13 32.93
C GLY C 2 -14.61 18.98 33.07
N PHE C 3 -13.99 18.46 32.03
CA PHE C 3 -12.54 18.26 32.00
C PHE C 3 -11.85 19.59 31.94
N PRO C 4 -10.69 19.72 32.60
CA PRO C 4 -9.96 20.99 32.57
C PRO C 4 -9.45 21.30 31.16
N ILE C 5 -9.38 22.57 30.82
CA ILE C 5 -8.90 23.01 29.51
C ILE C 5 -7.41 23.31 29.70
N PRO C 6 -6.54 22.59 28.98
CA PRO C 6 -5.10 22.80 29.09
C PRO C 6 -4.71 24.24 28.79
N ASP C 7 -3.78 24.76 29.58
CA ASP C 7 -3.26 26.12 29.42
C ASP C 7 -1.79 26.06 29.82
N PRO C 8 -0.87 26.18 28.83
CA PRO C 8 -1.15 26.38 27.40
C PRO C 8 -1.91 25.24 26.76
N TYR C 9 -2.69 25.59 25.74
CA TYR C 9 -3.50 24.63 25.04
C TYR C 9 -2.68 23.71 24.15
N VAL C 10 -2.10 22.70 24.79
CA VAL C 10 -1.28 21.71 24.11
C VAL C 10 -1.71 20.31 24.56
N TRP C 11 -1.50 19.33 23.70
CA TRP C 11 -1.82 17.93 24.01
C TRP C 11 -0.99 17.50 25.22
N ASP C 12 -1.50 16.55 25.99
CA ASP C 12 -0.75 16.02 27.13
C ASP C 12 -1.18 14.56 27.28
N PRO C 13 -0.33 13.73 27.94
CA PRO C 13 -0.59 12.30 28.16
C PRO C 13 -1.96 11.88 28.65
N SER C 14 -2.68 12.74 29.36
CA SER C 14 -4.00 12.36 29.85
C SER C 14 -4.97 12.15 28.70
N PHE C 15 -4.61 12.63 27.50
CA PHE C 15 -5.45 12.47 26.32
C PHE C 15 -5.10 11.25 25.49
N ARG C 16 -4.18 10.43 25.98
CA ARG C 16 -3.73 9.23 25.28
C ARG C 16 -4.83 8.17 25.03
N THR C 17 -4.96 7.73 23.78
CA THR C 17 -5.93 6.70 23.39
C THR C 17 -5.21 5.37 23.26
N PHE C 18 -3.88 5.43 23.28
CA PHE C 18 -3.00 4.27 23.14
C PHE C 18 -2.87 3.80 21.70
N TYR C 19 -3.26 4.68 20.77
CA TYR C 19 -3.11 4.42 19.35
C TYR C 19 -2.13 5.49 18.92
N SER C 20 -0.91 5.06 18.64
CA SER C 20 0.18 5.96 18.26
C SER C 20 -0.14 7.02 17.22
N ILE C 21 -0.68 6.60 16.09
CA ILE C 21 -1.04 7.47 14.96
C ILE C 21 -2.07 8.54 15.36
N ILE C 22 -3.11 8.10 16.05
CA ILE C 22 -4.21 8.93 16.53
C ILE C 22 -3.70 9.99 17.50
N ASP C 23 -2.94 9.56 18.50
CA ASP C 23 -2.41 10.47 19.50
C ASP C 23 -1.54 11.53 18.84
N ASP C 24 -0.78 11.14 17.83
CA ASP C 24 0.06 12.11 17.13
C ASP C 24 -0.82 13.09 16.36
N GLU C 25 -1.91 12.62 15.75
CA GLU C 25 -2.83 13.48 15.02
C GLU C 25 -3.51 14.42 16.01
N HIS C 26 -3.86 13.90 17.18
CA HIS C 26 -4.49 14.74 18.22
C HIS C 26 -3.56 15.90 18.63
N LYS C 27 -2.25 15.64 18.68
CA LYS C 27 -1.31 16.69 19.04
C LYS C 27 -1.38 17.86 18.05
N THR C 28 -1.65 17.54 16.79
CA THR C 28 -1.75 18.55 15.75
C THR C 28 -3.01 19.40 15.87
N LEU C 29 -4.07 18.85 16.45
CA LEU C 29 -5.34 19.58 16.61
C LEU C 29 -5.19 20.63 17.72
N PHE C 30 -4.55 20.23 18.81
CA PHE C 30 -4.30 21.14 19.93
C PHE C 30 -3.43 22.31 19.46
N ASN C 31 -2.39 21.99 18.69
CA ASN C 31 -1.51 23.04 18.17
C ASN C 31 -2.27 23.97 17.24
N GLY C 32 -3.17 23.41 16.43
CA GLY C 32 -3.96 24.21 15.50
C GLY C 32 -4.80 25.23 16.24
N ILE C 33 -5.52 24.77 17.26
CA ILE C 33 -6.38 25.63 18.07
C ILE C 33 -5.53 26.64 18.87
N PHE C 34 -4.34 26.20 19.31
CA PHE C 34 -3.43 27.06 20.07
C PHE C 34 -3.14 28.38 19.33
N HIS C 35 -2.81 28.30 18.04
CA HIS C 35 -2.51 29.49 17.25
C HIS C 35 -3.75 30.26 16.86
N LEU C 36 -4.86 29.55 16.63
CA LEU C 36 -6.13 30.19 16.30
C LEU C 36 -6.51 31.11 17.44
N ALA C 37 -6.18 30.71 18.67
CA ALA C 37 -6.46 31.50 19.86
C ALA C 37 -5.62 32.79 19.92
N ILE C 38 -4.45 32.78 19.29
CA ILE C 38 -3.57 33.96 19.27
C ILE C 38 -3.93 34.88 18.12
N ASP C 39 -4.09 34.29 16.94
CA ASP C 39 -4.45 35.04 15.74
C ASP C 39 -5.56 34.30 15.03
N ASP C 40 -6.77 34.82 15.14
CA ASP C 40 -7.91 34.21 14.50
C ASP C 40 -8.00 34.63 13.05
N ASN C 41 -7.11 34.08 12.22
CA ASN C 41 -7.10 34.39 10.80
C ASN C 41 -7.30 33.16 9.92
N ALA C 42 -7.33 33.39 8.61
CA ALA C 42 -7.54 32.35 7.61
C ALA C 42 -6.46 31.27 7.61
N ASP C 43 -5.21 31.69 7.71
CA ASP C 43 -4.10 30.74 7.69
C ASP C 43 -4.13 29.79 8.89
N ASN C 44 -4.37 30.33 10.08
CA ASN C 44 -4.43 29.50 11.28
C ASN C 44 -5.66 28.57 11.29
N LEU C 45 -6.77 29.06 10.75
CA LEU C 45 -7.99 28.25 10.68
C LEU C 45 -7.78 27.16 9.63
N GLY C 46 -7.08 27.52 8.56
CA GLY C 46 -6.81 26.57 7.48
C GLY C 46 -5.94 25.41 7.93
N GLU C 47 -4.95 25.70 8.76
CA GLU C 47 -4.04 24.68 9.29
C GLU C 47 -4.87 23.71 10.15
N LEU C 48 -5.66 24.25 11.08
CA LEU C 48 -6.52 23.45 11.93
C LEU C 48 -7.51 22.68 11.08
N ARG C 49 -8.09 23.34 10.09
CA ARG C 49 -9.06 22.70 9.21
C ARG C 49 -8.47 21.49 8.45
N ARG C 50 -7.22 21.62 7.99
CA ARG C 50 -6.56 20.53 7.26
C ARG C 50 -6.35 19.34 8.20
N CYS C 51 -5.67 19.59 9.31
CA CYS C 51 -5.37 18.56 10.31
C CYS C 51 -6.62 17.89 10.86
N THR C 52 -7.65 18.69 11.08
CA THR C 52 -8.92 18.19 11.59
C THR C 52 -9.57 17.29 10.54
N GLY C 53 -9.71 17.80 9.32
CA GLY C 53 -10.30 17.00 8.26
C GLY C 53 -9.57 15.67 8.07
N LYS C 54 -8.24 15.70 8.07
CA LYS C 54 -7.43 14.50 7.90
C LYS C 54 -7.56 13.53 9.08
N HIS C 55 -7.42 14.06 10.29
CA HIS C 55 -7.51 13.22 11.48
C HIS C 55 -8.87 12.52 11.58
N PHE C 56 -9.95 13.26 11.39
CA PHE C 56 -11.29 12.69 11.48
C PHE C 56 -11.47 11.58 10.46
N LEU C 57 -10.99 11.80 9.24
CA LEU C 57 -11.10 10.78 8.21
C LEU C 57 -10.26 9.55 8.56
N ASN C 58 -9.02 9.76 8.98
CA ASN C 58 -8.14 8.65 9.34
C ASN C 58 -8.73 7.86 10.51
N GLU C 59 -9.23 8.57 11.51
CA GLU C 59 -9.83 7.95 12.68
C GLU C 59 -11.06 7.14 12.28
N GLN C 60 -11.84 7.71 11.36
CA GLN C 60 -13.04 7.02 10.87
C GLN C 60 -12.65 5.74 10.13
N VAL C 61 -11.58 5.79 9.35
CA VAL C 61 -11.11 4.62 8.62
C VAL C 61 -10.67 3.53 9.58
N LEU C 62 -9.98 3.91 10.66
CA LEU C 62 -9.52 2.95 11.66
C LEU C 62 -10.73 2.35 12.37
N MET C 63 -11.71 3.18 12.71
CA MET C 63 -12.94 2.69 13.36
C MET C 63 -13.64 1.72 12.42
N GLN C 64 -13.69 2.06 11.14
CA GLN C 64 -14.34 1.20 10.15
C GLN C 64 -13.60 -0.12 9.96
N ALA C 65 -12.28 -0.11 10.20
CA ALA C 65 -11.46 -1.30 10.02
C ALA C 65 -11.85 -2.47 10.93
N SER C 66 -12.48 -2.17 12.06
CA SER C 66 -12.93 -3.17 13.02
C SER C 66 -14.44 -3.04 13.19
N GLN C 67 -15.07 -2.40 12.22
CA GLN C 67 -16.52 -2.14 12.19
C GLN C 67 -17.01 -1.61 13.56
N TYR C 68 -16.29 -0.61 14.09
CA TYR C 68 -16.60 -0.01 15.38
C TYR C 68 -18.10 0.18 15.59
N GLN C 69 -18.59 -0.32 16.73
CA GLN C 69 -20.00 -0.30 17.08
C GLN C 69 -20.65 1.06 17.08
N PHE C 70 -19.95 2.05 17.64
CA PHE C 70 -20.49 3.40 17.75
C PHE C 70 -19.93 4.38 16.73
N TYR C 71 -19.68 3.88 15.53
CA TYR C 71 -19.14 4.68 14.43
C TYR C 71 -20.06 5.83 14.00
N ASP C 72 -21.34 5.54 13.79
CA ASP C 72 -22.32 6.55 13.37
C ASP C 72 -22.44 7.75 14.30
N GLU C 73 -22.57 7.49 15.61
CA GLU C 73 -22.66 8.58 16.57
C GLU C 73 -21.36 9.38 16.54
N HIS C 74 -20.25 8.68 16.41
CA HIS C 74 -18.93 9.32 16.38
C HIS C 74 -18.77 10.22 15.15
N LYS C 75 -19.16 9.71 13.99
CA LYS C 75 -19.07 10.47 12.74
C LYS C 75 -19.86 11.77 12.83
N LYS C 76 -21.07 11.69 13.40
CA LYS C 76 -21.93 12.85 13.58
C LYS C 76 -21.21 13.92 14.41
N GLU C 77 -20.49 13.51 15.45
CA GLU C 77 -19.75 14.46 16.27
C GLU C 77 -18.69 15.16 15.42
N HIS C 78 -17.96 14.36 14.64
CA HIS C 78 -16.93 14.88 13.75
C HIS C 78 -17.51 15.93 12.80
N GLU C 79 -18.65 15.61 12.19
CA GLU C 79 -19.32 16.51 11.24
C GLU C 79 -19.63 17.87 11.86
N THR C 80 -20.07 17.87 13.12
CA THR C 80 -20.36 19.10 13.84
C THR C 80 -19.20 20.00 14.05
N PHE C 81 -18.04 19.44 14.34
CA PHE C 81 -16.83 20.26 14.52
C PHE C 81 -16.37 20.86 13.18
N ILE C 82 -16.44 20.05 12.13
CA ILE C 82 -16.06 20.47 10.78
C ILE C 82 -16.99 21.59 10.34
N HIS C 83 -18.28 21.39 10.59
CA HIS C 83 -19.28 22.40 10.24
C HIS C 83 -18.98 23.73 10.92
N ALA C 84 -18.59 23.65 12.20
CA ALA C 84 -18.25 24.84 12.99
C ALA C 84 -17.01 25.51 12.40
N LEU C 85 -16.02 24.71 12.04
CA LEU C 85 -14.80 25.23 11.44
C LEU C 85 -15.08 25.87 10.09
N ASP C 86 -16.05 25.33 9.34
CA ASP C 86 -16.38 25.87 8.02
C ASP C 86 -17.38 27.03 8.06
N ASN C 87 -17.89 27.32 9.26
CA ASN C 87 -18.83 28.41 9.50
C ASN C 87 -18.29 29.03 10.79
N TRP C 88 -17.01 29.35 10.75
CA TRP C 88 -16.28 29.91 11.88
C TRP C 88 -16.75 31.29 12.31
N LYS C 89 -16.99 31.43 13.61
CA LYS C 89 -17.46 32.69 14.19
C LYS C 89 -16.49 33.25 15.22
N GLY C 90 -15.35 32.60 15.37
CA GLY C 90 -14.34 33.10 16.30
C GLY C 90 -14.44 32.63 17.73
N ASP C 91 -15.24 31.59 17.98
CA ASP C 91 -15.39 31.09 19.34
C ASP C 91 -14.32 30.06 19.68
N VAL C 92 -13.12 30.55 19.99
CA VAL C 92 -11.98 29.71 20.33
C VAL C 92 -12.20 28.98 21.64
N LYS C 93 -12.94 29.60 22.56
CA LYS C 93 -13.23 28.99 23.85
C LYS C 93 -14.04 27.71 23.64
N TRP C 94 -15.03 27.78 22.75
CA TRP C 94 -15.86 26.63 22.44
C TRP C 94 -15.06 25.51 21.78
N ALA C 95 -14.21 25.87 20.83
CA ALA C 95 -13.37 24.90 20.11
C ALA C 95 -12.41 24.18 21.06
N LYS C 96 -11.83 24.94 21.98
CA LYS C 96 -10.92 24.38 22.96
C LYS C 96 -11.67 23.36 23.79
N SER C 97 -12.90 23.70 24.17
CA SER C 97 -13.75 22.83 24.97
C SER C 97 -14.20 21.62 24.15
N TRP C 98 -14.60 21.87 22.91
CA TRP C 98 -15.06 20.78 22.07
C TRP C 98 -14.03 19.67 21.87
N LEU C 99 -12.78 20.05 21.59
CA LEU C 99 -11.72 19.05 21.38
C LEU C 99 -11.47 18.24 22.63
N VAL C 100 -11.23 18.93 23.75
CA VAL C 100 -10.98 18.25 25.03
C VAL C 100 -12.07 17.24 25.35
N ASN C 101 -13.33 17.65 25.21
CA ASN C 101 -14.45 16.75 25.49
C ASN C 101 -14.67 15.65 24.46
N HIS C 102 -14.32 15.91 23.20
CA HIS C 102 -14.50 14.90 22.16
C HIS C 102 -13.51 13.75 22.32
N ILE C 103 -12.26 14.07 22.69
CA ILE C 103 -11.25 13.05 22.86
C ILE C 103 -11.54 12.26 24.12
N LYS C 104 -11.72 12.95 25.23
CA LYS C 104 -11.95 12.27 26.49
C LYS C 104 -13.27 11.54 26.71
N THR C 105 -14.31 11.88 25.96
CA THR C 105 -15.57 11.18 26.13
C THR C 105 -15.97 10.39 24.88
N ILE C 106 -15.70 10.94 23.70
CA ILE C 106 -16.06 10.25 22.47
C ILE C 106 -14.97 9.34 21.90
N ASP C 107 -13.74 9.86 21.79
CA ASP C 107 -12.63 9.05 21.29
C ASP C 107 -12.30 7.91 22.24
N PHE C 108 -12.24 8.20 23.54
CA PHE C 108 -11.92 7.20 24.57
C PHE C 108 -12.86 6.00 24.53
N LYS C 109 -14.03 6.17 23.95
CA LYS C 109 -14.99 5.08 23.85
C LYS C 109 -14.52 3.96 22.94
N TYR C 110 -13.66 4.28 21.96
CA TYR C 110 -13.16 3.24 21.06
C TYR C 110 -11.91 2.53 21.56
N LYS C 111 -11.46 2.88 22.76
CA LYS C 111 -10.27 2.24 23.32
C LYS C 111 -10.40 0.71 23.36
N GLY C 112 -9.47 0.02 22.71
CA GLY C 112 -9.48 -1.44 22.69
C GLY C 112 -10.49 -2.06 21.74
N LYS C 113 -11.18 -1.22 20.98
CA LYS C 113 -12.18 -1.72 20.04
C LYS C 113 -11.78 -1.54 18.58
N ILE C 114 -10.69 -0.83 18.33
CA ILE C 114 -10.25 -0.60 16.96
C ILE C 114 -8.76 -0.84 16.75
N GLY D 2 9.41 -16.02 35.09
CA GLY D 2 8.83 -16.57 36.37
C GLY D 2 7.32 -16.43 36.39
N PHE D 3 6.77 -16.14 35.22
CA PHE D 3 5.34 -15.96 35.06
C PHE D 3 4.68 -17.33 34.98
N PRO D 4 3.39 -17.39 35.27
CA PRO D 4 2.68 -18.68 35.22
C PRO D 4 2.47 -19.13 33.78
N ILE D 5 2.63 -20.42 33.53
CA ILE D 5 2.43 -20.96 32.19
C ILE D 5 0.94 -21.26 32.07
N PRO D 6 0.21 -20.50 31.23
CA PRO D 6 -1.23 -20.79 31.12
C PRO D 6 -1.60 -22.25 30.81
N ASP D 7 -2.68 -22.69 31.45
CA ASP D 7 -3.20 -24.05 31.25
C ASP D 7 -4.72 -23.95 31.27
N PRO D 8 -5.39 -24.15 30.12
CA PRO D 8 -4.78 -24.48 28.82
C PRO D 8 -3.87 -23.37 28.28
N TYR D 9 -2.92 -23.76 27.42
CA TYR D 9 -1.98 -22.81 26.85
C TYR D 9 -2.65 -22.01 25.75
N VAL D 10 -3.25 -20.90 26.15
CA VAL D 10 -3.96 -20.02 25.23
C VAL D 10 -3.65 -18.58 25.64
N TRP D 11 -3.75 -17.66 24.68
CA TRP D 11 -3.48 -16.24 24.96
C TRP D 11 -4.53 -15.71 25.94
N ASP D 12 -4.14 -14.80 26.81
CA ASP D 12 -5.09 -14.17 27.75
C ASP D 12 -4.70 -12.69 27.89
N PRO D 13 -5.66 -11.83 28.26
CA PRO D 13 -5.42 -10.38 28.42
C PRO D 13 -4.23 -9.91 29.23
N SER D 14 -3.60 -10.77 30.03
CA SER D 14 -2.44 -10.33 30.80
C SER D 14 -1.21 -10.17 29.90
N PHE D 15 -1.32 -10.70 28.67
CA PHE D 15 -0.25 -10.63 27.68
C PHE D 15 -0.43 -9.46 26.71
N ARG D 16 -1.45 -8.65 26.95
CA ARG D 16 -1.78 -7.50 26.10
C ARG D 16 -0.67 -6.45 26.00
N THR D 17 -0.30 -6.10 24.77
CA THR D 17 0.73 -5.09 24.52
C THR D 17 0.08 -3.76 24.15
N PHE D 18 -1.21 -3.81 23.83
CA PHE D 18 -2.02 -2.65 23.43
C PHE D 18 -1.89 -2.26 21.97
N TYR D 19 -1.26 -3.14 21.19
CA TYR D 19 -1.10 -2.98 19.75
C TYR D 19 -1.96 -4.12 19.25
N SER D 20 -3.15 -3.79 18.77
CA SER D 20 -4.11 -4.78 18.32
C SER D 20 -3.60 -5.88 17.41
N ILE D 21 -2.87 -5.50 16.36
CA ILE D 21 -2.36 -6.47 15.40
C ILE D 21 -1.31 -7.41 16.01
N ILE D 22 -0.47 -6.89 16.89
CA ILE D 22 0.55 -7.66 17.59
C ILE D 22 -0.11 -8.68 18.53
N ASP D 23 -1.13 -8.20 19.27
CA ASP D 23 -1.84 -9.07 20.20
C ASP D 23 -2.55 -10.20 19.47
N ASP D 24 -3.07 -9.91 18.28
CA ASP D 24 -3.75 -10.92 17.48
C ASP D 24 -2.77 -11.94 16.92
N GLU D 25 -1.55 -11.50 16.64
CA GLU D 25 -0.53 -12.42 16.14
C GLU D 25 -0.06 -13.30 17.30
N HIS D 26 0.06 -12.71 18.49
CA HIS D 26 0.45 -13.46 19.67
C HIS D 26 -0.55 -14.58 19.97
N LYS D 27 -1.83 -14.34 19.69
CA LYS D 27 -2.86 -15.34 19.92
C LYS D 27 -2.60 -16.58 19.07
N THR D 28 -2.03 -16.37 17.88
CA THR D 28 -1.72 -17.48 16.98
C THR D 28 -0.52 -18.28 17.46
N LEU D 29 0.39 -17.64 18.19
CA LEU D 29 1.57 -18.36 18.67
C LEU D 29 1.15 -19.31 19.78
N PHE D 30 0.28 -18.83 20.67
CA PHE D 30 -0.21 -19.67 21.75
C PHE D 30 -0.94 -20.88 21.21
N ASN D 31 -1.83 -20.64 20.23
CA ASN D 31 -2.60 -21.72 19.59
C ASN D 31 -1.68 -22.73 18.94
N GLY D 32 -0.57 -22.23 18.38
CA GLY D 32 0.40 -23.10 17.72
C GLY D 32 1.08 -24.04 18.68
N ILE D 33 1.54 -23.49 19.80
CA ILE D 33 2.21 -24.27 20.82
C ILE D 33 1.23 -25.22 21.49
N PHE D 34 -0.01 -24.77 21.64
CA PHE D 34 -1.09 -25.56 22.26
C PHE D 34 -1.23 -26.92 21.55
N HIS D 35 -1.28 -26.90 20.22
CA HIS D 35 -1.43 -28.13 19.44
C HIS D 35 -0.16 -28.97 19.34
N LEU D 36 0.99 -28.31 19.34
CA LEU D 36 2.28 -28.98 19.28
C LEU D 36 2.38 -29.81 20.56
N ALA D 37 1.84 -29.28 21.65
CA ALA D 37 1.86 -29.97 22.94
C ALA D 37 1.00 -31.23 22.95
N ILE D 38 -0.08 -31.24 22.17
CA ILE D 38 -0.95 -32.40 22.07
C ILE D 38 -0.41 -33.41 21.05
N ASP D 39 -0.09 -32.92 19.86
CA ASP D 39 0.46 -33.71 18.77
C ASP D 39 1.73 -33.03 18.20
N ASP D 40 2.89 -33.38 18.75
CA ASP D 40 4.18 -32.79 18.38
C ASP D 40 4.69 -33.38 17.07
N ASN D 41 3.96 -33.09 16.00
CA ASN D 41 4.29 -33.58 14.66
C ASN D 41 4.76 -32.48 13.70
N ALA D 42 4.96 -32.85 12.44
CA ALA D 42 5.44 -31.90 11.43
C ALA D 42 4.45 -30.81 11.04
N ASP D 43 3.18 -31.18 10.85
CA ASP D 43 2.16 -30.20 10.47
C ASP D 43 1.97 -29.10 11.52
N ASN D 44 1.92 -29.49 12.80
CA ASN D 44 1.73 -28.51 13.87
C ASN D 44 2.95 -27.62 14.08
N LEU D 45 4.13 -28.17 13.85
CA LEU D 45 5.36 -27.38 13.99
C LEU D 45 5.37 -26.32 12.88
N GLY D 46 4.94 -26.73 11.68
CA GLY D 46 4.89 -25.85 10.53
C GLY D 46 3.93 -24.69 10.70
N GLU D 47 2.75 -24.97 11.26
CA GLU D 47 1.74 -23.94 11.51
C GLU D 47 2.34 -22.92 12.47
N LEU D 48 2.93 -23.40 13.55
CA LEU D 48 3.58 -22.53 14.53
C LEU D 48 4.74 -21.76 13.88
N ARG D 49 5.56 -22.48 13.13
CA ARG D 49 6.71 -21.89 12.43
C ARG D 49 6.31 -20.74 11.51
N ARG D 50 5.24 -20.94 10.74
CA ARG D 50 4.76 -19.91 9.82
C ARG D 50 4.28 -18.68 10.61
N CYS D 51 3.44 -18.89 11.62
CA CYS D 51 2.91 -17.80 12.43
C CYS D 51 4.00 -17.10 13.23
N THR D 52 5.02 -17.86 13.62
CA THR D 52 6.15 -17.29 14.35
C THR D 52 7.04 -16.46 13.42
N GLY D 53 7.32 -17.01 12.25
CA GLY D 53 8.14 -16.32 11.27
C GLY D 53 7.49 -15.01 10.85
N LYS D 54 6.19 -15.08 10.61
CA LYS D 54 5.42 -13.91 10.21
C LYS D 54 5.30 -12.86 11.33
N HIS D 55 4.95 -13.29 12.54
CA HIS D 55 4.82 -12.36 13.66
C HIS D 55 6.13 -11.65 13.97
N PHE D 56 7.21 -12.42 14.06
CA PHE D 56 8.51 -11.85 14.37
C PHE D 56 8.90 -10.80 13.32
N LEU D 57 8.66 -11.09 12.05
CA LEU D 57 8.99 -10.14 10.99
C LEU D 57 8.13 -8.89 11.12
N ASN D 58 6.81 -9.07 11.24
CA ASN D 58 5.89 -7.95 11.37
C ASN D 58 6.22 -7.08 12.58
N GLU D 59 6.45 -7.72 13.72
CA GLU D 59 6.77 -7.01 14.95
C GLU D 59 8.07 -6.23 14.76
N GLN D 60 9.03 -6.84 14.07
CA GLN D 60 10.31 -6.19 13.78
C GLN D 60 10.11 -4.95 12.89
N VAL D 61 9.20 -5.05 11.92
CA VAL D 61 8.91 -3.92 11.04
C VAL D 61 8.31 -2.76 11.84
N LEU D 62 7.32 -3.07 12.68
CA LEU D 62 6.70 -2.05 13.51
C LEU D 62 7.73 -1.41 14.45
N MET D 63 8.65 -2.20 14.99
CA MET D 63 9.69 -1.66 15.87
C MET D 63 10.59 -0.71 15.08
N GLN D 64 10.94 -1.09 13.85
CA GLN D 64 11.79 -0.28 13.00
C GLN D 64 11.08 1.00 12.55
N ALA D 65 9.74 0.95 12.49
CA ALA D 65 8.94 2.11 12.07
C ALA D 65 9.19 3.32 12.97
N SER D 66 9.58 3.06 14.21
CA SER D 66 9.89 4.11 15.17
C SER D 66 11.34 3.98 15.64
N GLN D 67 12.15 3.26 14.86
CA GLN D 67 13.55 3.03 15.19
C GLN D 67 13.71 2.65 16.67
N TYR D 68 12.95 1.65 17.10
CA TYR D 68 12.97 1.17 18.48
C TYR D 68 14.39 1.03 18.98
N GLN D 69 14.65 1.66 20.11
CA GLN D 69 15.97 1.67 20.73
C GLN D 69 16.57 0.30 21.02
N PHE D 70 15.75 -0.65 21.46
CA PHE D 70 16.25 -1.98 21.80
C PHE D 70 15.96 -3.05 20.76
N TYR D 71 15.85 -2.64 19.50
CA TYR D 71 15.59 -3.55 18.38
C TYR D 71 16.60 -4.69 18.22
N ASP D 72 17.89 -4.39 18.29
CA ASP D 72 18.94 -5.42 18.11
C ASP D 72 18.84 -6.57 19.10
N GLU D 73 18.78 -6.26 20.40
CA GLU D 73 18.68 -7.32 21.38
C GLU D 73 17.40 -8.10 21.20
N HIS D 74 16.35 -7.40 20.75
CA HIS D 74 15.05 -8.05 20.52
C HIS D 74 15.11 -9.03 19.35
N LYS D 75 15.73 -8.60 18.25
CA LYS D 75 15.86 -9.43 17.06
C LYS D 75 16.67 -10.69 17.40
N LYS D 76 17.68 -10.55 18.25
CA LYS D 76 18.49 -11.68 18.65
C LYS D 76 17.64 -12.71 19.41
N GLU D 77 16.66 -12.22 20.17
CA GLU D 77 15.76 -13.13 20.90
C GLU D 77 14.92 -13.90 19.89
N HIS D 78 14.33 -13.16 18.94
CA HIS D 78 13.51 -13.75 17.89
C HIS D 78 14.26 -14.83 17.13
N GLU D 79 15.54 -14.56 16.86
CA GLU D 79 16.39 -15.50 16.14
C GLU D 79 16.58 -16.81 16.88
N THR D 80 16.76 -16.70 18.20
CA THR D 80 16.93 -17.86 19.07
C THR D 80 15.76 -18.81 19.08
N PHE D 81 14.55 -18.27 19.02
CA PHE D 81 13.36 -19.12 18.97
C PHE D 81 13.15 -19.74 17.59
N ILE D 82 13.39 -18.95 16.54
CA ILE D 82 13.29 -19.46 15.16
C ILE D 82 14.31 -20.56 14.97
N HIS D 83 15.50 -20.37 15.54
CA HIS D 83 16.55 -21.37 15.43
C HIS D 83 16.09 -22.65 16.12
N ALA D 84 15.46 -22.50 17.28
CA ALA D 84 14.93 -23.65 18.01
C ALA D 84 13.86 -24.38 17.19
N LEU D 85 12.94 -23.63 16.59
CA LEU D 85 11.89 -24.25 15.79
C LEU D 85 12.44 -24.95 14.55
N ASP D 86 13.55 -24.45 14.01
CA ASP D 86 14.14 -25.04 12.81
C ASP D 86 15.03 -26.26 13.07
N ASN D 87 15.34 -26.49 14.33
CA ASN D 87 16.15 -27.62 14.79
C ASN D 87 15.36 -28.27 15.94
N TRP D 88 14.05 -28.33 15.75
CA TRP D 88 13.10 -28.86 16.73
C TRP D 88 13.39 -30.26 17.25
N LYS D 89 13.54 -30.37 18.57
CA LYS D 89 13.83 -31.63 19.26
C LYS D 89 12.63 -32.11 20.10
N GLY D 90 11.53 -31.35 20.11
CA GLY D 90 10.36 -31.72 20.87
C GLY D 90 10.24 -31.20 22.30
N ASP D 91 10.98 -30.14 22.64
CA ASP D 91 10.90 -29.60 24.00
C ASP D 91 9.75 -28.57 24.13
N VAL D 92 8.52 -29.08 24.11
CA VAL D 92 7.33 -28.23 24.22
C VAL D 92 7.29 -27.38 25.50
N LYS D 93 7.74 -27.94 26.61
CA LYS D 93 7.73 -27.20 27.86
C LYS D 93 8.63 -25.97 27.79
N TRP D 94 9.74 -26.09 27.07
CA TRP D 94 10.65 -24.97 26.91
C TRP D 94 10.02 -23.90 26.04
N ALA D 95 9.38 -24.32 24.94
CA ALA D 95 8.71 -23.40 24.01
C ALA D 95 7.60 -22.64 24.72
N LYS D 96 6.87 -23.34 25.59
CA LYS D 96 5.79 -22.72 26.35
C LYS D 96 6.31 -21.61 27.25
N SER D 97 7.40 -21.85 27.96
CA SER D 97 7.95 -20.83 28.84
C SER D 97 8.68 -19.75 28.03
N TRP D 98 9.23 -20.13 26.87
CA TRP D 98 9.94 -19.15 26.06
C TRP D 98 8.98 -18.07 25.56
N LEU D 99 7.82 -18.47 25.03
CA LEU D 99 6.84 -17.51 24.53
C LEU D 99 6.29 -16.62 25.63
N VAL D 100 5.91 -17.23 26.75
CA VAL D 100 5.36 -16.48 27.89
C VAL D 100 6.35 -15.41 28.34
N ASN D 101 7.58 -15.83 28.59
CA ASN D 101 8.62 -14.91 29.04
C ASN D 101 9.03 -13.87 28.02
N HIS D 102 9.00 -14.24 26.74
CA HIS D 102 9.37 -13.30 25.70
C HIS D 102 8.41 -12.12 25.61
N ILE D 103 7.12 -12.42 25.57
CA ILE D 103 6.11 -11.39 25.47
C ILE D 103 6.12 -10.52 26.71
N LYS D 104 6.05 -11.14 27.88
CA LYS D 104 6.00 -10.38 29.12
C LYS D 104 7.27 -9.63 29.56
N THR D 105 8.45 -10.07 29.12
CA THR D 105 9.66 -9.35 29.51
C THR D 105 10.29 -8.59 28.34
N ILE D 106 10.28 -9.19 27.15
CA ILE D 106 10.88 -8.56 25.97
C ILE D 106 9.90 -7.71 25.16
N ASP D 107 8.79 -8.29 24.73
CA ASP D 107 7.82 -7.51 23.97
C ASP D 107 7.27 -6.33 24.75
N PHE D 108 7.01 -6.53 26.04
CA PHE D 108 6.47 -5.48 26.90
C PHE D 108 7.37 -4.24 26.98
N LYS D 109 8.65 -4.41 26.63
CA LYS D 109 9.60 -3.30 26.65
C LYS D 109 9.31 -2.25 25.59
N TYR D 110 8.65 -2.65 24.50
CA TYR D 110 8.33 -1.68 23.46
C TYR D 110 7.00 -0.97 23.64
N LYS D 111 6.31 -1.25 24.75
CA LYS D 111 5.03 -0.61 25.00
C LYS D 111 5.17 0.91 25.01
N GLY D 112 4.39 1.57 24.15
CA GLY D 112 4.40 3.01 24.04
C GLY D 112 5.58 3.55 23.27
N LYS D 113 6.39 2.66 22.72
CA LYS D 113 7.58 3.06 21.97
C LYS D 113 7.53 2.77 20.48
N ILE D 114 6.46 2.13 20.01
CA ILE D 114 6.32 1.81 18.60
C ILE D 114 4.88 1.98 18.08
N GLY E 2 -23.89 -29.50 13.89
CA GLY E 2 -23.52 -30.96 13.98
C GLY E 2 -22.06 -31.19 14.27
N PHE E 3 -21.22 -30.19 13.98
CA PHE E 3 -19.78 -30.31 14.21
C PHE E 3 -19.49 -30.24 15.70
N PRO E 4 -18.47 -30.96 16.17
CA PRO E 4 -18.13 -30.93 17.59
C PRO E 4 -17.69 -29.53 18.03
N ILE E 5 -17.96 -29.19 19.29
CA ILE E 5 -17.55 -27.90 19.80
C ILE E 5 -16.26 -28.11 20.56
N PRO E 6 -15.17 -27.47 20.10
CA PRO E 6 -13.87 -27.61 20.75
C PRO E 6 -13.94 -27.33 22.24
N ASP E 7 -13.20 -28.10 23.02
CA ASP E 7 -13.14 -27.94 24.47
C ASP E 7 -11.78 -28.45 24.95
N PRO E 8 -10.89 -27.54 25.35
CA PRO E 8 -11.07 -26.08 25.39
C PRO E 8 -11.44 -25.45 24.05
N TYR E 9 -12.16 -24.33 24.10
CA TYR E 9 -12.60 -23.64 22.89
C TYR E 9 -11.45 -22.86 22.27
N VAL E 10 -10.77 -23.52 21.33
CA VAL E 10 -9.63 -22.98 20.61
C VAL E 10 -9.67 -23.50 19.17
N TRP E 11 -9.06 -22.75 18.25
CA TRP E 11 -9.02 -23.14 16.84
C TRP E 11 -8.17 -24.38 16.67
N ASP E 12 -8.50 -25.22 15.69
CA ASP E 12 -7.71 -26.43 15.40
C ASP E 12 -7.66 -26.62 13.88
N PRO E 13 -6.64 -27.35 13.38
CA PRO E 13 -6.45 -27.61 11.95
C PRO E 13 -7.64 -28.06 11.12
N SER E 14 -8.69 -28.59 11.76
CA SER E 14 -9.87 -29.03 11.00
C SER E 14 -10.68 -27.84 10.48
N PHE E 15 -10.36 -26.65 10.98
CA PHE E 15 -11.03 -25.42 10.58
C PHE E 15 -10.28 -24.66 9.48
N ARG E 16 -9.13 -25.19 9.09
CA ARG E 16 -8.28 -24.61 8.05
C ARG E 16 -9.00 -24.35 6.73
N THR E 17 -8.88 -23.12 6.23
CA THR E 17 -9.50 -22.71 4.96
C THR E 17 -8.43 -22.70 3.87
N PHE E 18 -7.18 -22.72 4.32
CA PHE E 18 -5.97 -22.69 3.48
C PHE E 18 -5.57 -21.28 3.05
N TYR E 19 -6.16 -20.29 3.72
CA TYR E 19 -5.81 -18.89 3.51
C TYR E 19 -5.16 -18.52 4.83
N SER E 20 -3.84 -18.31 4.80
CA SER E 20 -3.05 -18.00 5.99
C SER E 20 -3.61 -16.89 6.87
N ILE E 21 -3.91 -15.74 6.28
CA ILE E 21 -4.46 -14.57 6.98
C ILE E 21 -5.77 -14.90 7.69
N ILE E 22 -6.71 -15.46 6.92
CA ILE E 22 -8.03 -15.86 7.40
C ILE E 22 -7.95 -16.80 8.59
N ASP E 23 -7.17 -17.87 8.45
CA ASP E 23 -7.01 -18.86 9.49
C ASP E 23 -6.41 -18.22 10.74
N ASP E 24 -5.48 -17.28 10.56
CA ASP E 24 -4.89 -16.62 11.71
C ASP E 24 -5.96 -15.73 12.38
N GLU E 25 -6.80 -15.09 11.59
CA GLU E 25 -7.87 -14.27 12.14
C GLU E 25 -8.89 -15.14 12.89
N HIS E 26 -9.22 -16.29 12.32
CA HIS E 26 -10.14 -17.23 12.96
C HIS E 26 -9.64 -17.66 14.33
N LYS E 27 -8.34 -17.81 14.48
CA LYS E 27 -7.76 -18.21 15.75
C LYS E 27 -8.06 -17.16 16.84
N THR E 28 -8.13 -15.89 16.45
CA THR E 28 -8.41 -14.83 17.41
C THR E 28 -9.88 -14.86 17.84
N LEU E 29 -10.77 -15.28 16.95
CA LEU E 29 -12.19 -15.38 17.26
C LEU E 29 -12.45 -16.45 18.31
N PHE E 30 -11.80 -17.61 18.17
CA PHE E 30 -11.96 -18.69 19.13
C PHE E 30 -11.48 -18.26 20.50
N ASN E 31 -10.33 -17.62 20.54
CA ASN E 31 -9.75 -17.15 21.80
C ASN E 31 -10.64 -16.07 22.46
N GLY E 32 -11.29 -15.25 21.62
CA GLY E 32 -12.18 -14.22 22.11
C GLY E 32 -13.39 -14.82 22.82
N ILE E 33 -13.99 -15.83 22.20
CA ILE E 33 -15.15 -16.51 22.80
C ILE E 33 -14.71 -17.35 24.02
N PHE E 34 -13.49 -17.86 24.00
CA PHE E 34 -12.97 -18.65 25.11
C PHE E 34 -13.04 -17.85 26.41
N HIS E 35 -12.52 -16.62 26.39
CA HIS E 35 -12.55 -15.79 27.59
C HIS E 35 -13.93 -15.28 27.96
N LEU E 36 -14.76 -15.02 26.95
CA LEU E 36 -16.13 -14.57 27.17
C LEU E 36 -16.84 -15.61 28.05
N ALA E 37 -16.57 -16.88 27.75
CA ALA E 37 -17.15 -18.02 28.47
C ALA E 37 -16.71 -18.09 29.93
N ILE E 38 -15.50 -17.62 30.23
CA ILE E 38 -15.00 -17.62 31.59
C ILE E 38 -15.49 -16.39 32.34
N ASP E 39 -15.34 -15.23 31.72
CA ASP E 39 -15.79 -13.97 32.31
C ASP E 39 -16.51 -13.19 31.23
N ASP E 40 -17.84 -13.21 31.31
CA ASP E 40 -18.70 -12.53 30.36
C ASP E 40 -18.81 -11.05 30.70
N ASN E 41 -17.73 -10.30 30.46
CA ASN E 41 -17.72 -8.86 30.73
C ASN E 41 -17.49 -7.98 29.49
N ALA E 42 -17.46 -6.66 29.70
CA ALA E 42 -17.28 -5.71 28.62
C ALA E 42 -15.95 -5.81 27.88
N ASP E 43 -14.86 -5.98 28.64
CA ASP E 43 -13.53 -6.08 28.04
C ASP E 43 -13.38 -7.28 27.13
N ASN E 44 -13.82 -8.44 27.63
CA ASN E 44 -13.73 -9.66 26.85
C ASN E 44 -14.67 -9.62 25.64
N LEU E 45 -15.83 -9.00 25.80
CA LEU E 45 -16.75 -8.90 24.67
C LEU E 45 -16.13 -7.91 23.68
N GLY E 46 -15.48 -6.87 24.20
CA GLY E 46 -14.84 -5.88 23.34
C GLY E 46 -13.76 -6.50 22.46
N GLU E 47 -12.89 -7.29 23.08
CA GLU E 47 -11.80 -7.96 22.38
C GLU E 47 -12.33 -8.83 21.24
N LEU E 48 -13.38 -9.60 21.52
CA LEU E 48 -13.99 -10.46 20.52
C LEU E 48 -14.66 -9.62 19.43
N ARG E 49 -15.34 -8.56 19.86
CA ARG E 49 -16.04 -7.65 18.95
C ARG E 49 -15.07 -6.98 17.97
N ARG E 50 -13.91 -6.57 18.49
CA ARG E 50 -12.90 -5.95 17.64
C ARG E 50 -12.43 -6.96 16.59
N CYS E 51 -11.93 -8.10 17.06
CA CYS E 51 -11.43 -9.14 16.17
C CYS E 51 -12.48 -9.63 15.19
N THR E 52 -13.75 -9.72 15.64
CA THR E 52 -14.83 -10.18 14.76
C THR E 52 -15.15 -9.15 13.68
N GLY E 53 -15.16 -7.86 14.06
CA GLY E 53 -15.43 -6.82 13.10
C GLY E 53 -14.34 -6.76 12.05
N LYS E 54 -13.08 -6.81 12.50
CA LYS E 54 -11.92 -6.78 11.61
C LYS E 54 -11.89 -8.00 10.69
N HIS E 55 -12.03 -9.19 11.28
CA HIS E 55 -12.01 -10.41 10.48
C HIS E 55 -13.10 -10.40 9.41
N PHE E 56 -14.34 -10.12 9.81
CA PHE E 56 -15.45 -10.11 8.87
C PHE E 56 -15.21 -9.11 7.74
N LEU E 57 -14.68 -7.95 8.09
CA LEU E 57 -14.38 -6.94 7.07
C LEU E 57 -13.29 -7.45 6.12
N ASN E 58 -12.17 -7.91 6.69
CA ASN E 58 -11.03 -8.41 5.90
C ASN E 58 -11.44 -9.57 5.01
N GLU E 59 -12.24 -10.48 5.55
CA GLU E 59 -12.70 -11.62 4.79
C GLU E 59 -13.61 -11.15 3.66
N GLN E 60 -14.47 -10.18 3.94
CA GLN E 60 -15.37 -9.64 2.92
C GLN E 60 -14.55 -8.99 1.80
N VAL E 61 -13.48 -8.31 2.16
CA VAL E 61 -12.61 -7.66 1.18
C VAL E 61 -11.96 -8.71 0.27
N LEU E 62 -11.46 -9.78 0.87
CA LEU E 62 -10.83 -10.87 0.11
C LEU E 62 -11.87 -11.53 -0.81
N MET E 63 -13.10 -11.71 -0.32
CA MET E 63 -14.15 -12.31 -1.13
C MET E 63 -14.46 -11.41 -2.33
N GLN E 64 -14.56 -10.11 -2.07
CA GLN E 64 -14.84 -9.13 -3.13
C GLN E 64 -13.71 -9.08 -4.14
N ALA E 65 -12.48 -9.32 -3.69
CA ALA E 65 -11.28 -9.32 -4.55
C ALA E 65 -11.43 -10.23 -5.77
N SER E 66 -12.14 -11.34 -5.61
CA SER E 66 -12.37 -12.26 -6.72
C SER E 66 -13.86 -12.28 -7.07
N GLN E 67 -14.58 -11.27 -6.60
CA GLN E 67 -16.03 -11.13 -6.83
C GLN E 67 -16.77 -12.43 -6.49
N TYR E 68 -16.46 -12.96 -5.30
CA TYR E 68 -17.04 -14.20 -4.79
C TYR E 68 -18.54 -14.31 -5.06
N GLN E 69 -18.93 -15.38 -5.76
CA GLN E 69 -20.32 -15.64 -6.15
C GLN E 69 -21.37 -15.63 -5.04
N PHE E 70 -21.00 -16.07 -3.86
CA PHE E 70 -21.92 -16.13 -2.72
C PHE E 70 -21.62 -15.12 -1.63
N TYR E 71 -21.15 -13.95 -2.05
CA TYR E 71 -20.82 -12.88 -1.12
C TYR E 71 -22.01 -12.36 -0.31
N ASP E 72 -23.14 -12.10 -0.96
CA ASP E 72 -24.31 -11.57 -0.26
C ASP E 72 -24.82 -12.45 0.87
N GLU E 73 -24.98 -13.75 0.61
CA GLU E 73 -25.45 -14.65 1.65
C GLU E 73 -24.43 -14.69 2.79
N HIS E 74 -23.15 -14.62 2.44
CA HIS E 74 -22.08 -14.63 3.43
C HIS E 74 -22.10 -13.38 4.31
N LYS E 75 -22.23 -12.21 3.68
CA LYS E 75 -22.25 -10.94 4.42
C LYS E 75 -23.40 -10.90 5.42
N LYS E 76 -24.56 -11.42 5.03
CA LYS E 76 -25.75 -11.46 5.88
C LYS E 76 -25.49 -12.27 7.15
N GLU E 77 -24.75 -13.37 7.01
CA GLU E 77 -24.39 -14.23 8.14
C GLU E 77 -23.48 -13.46 9.10
N HIS E 78 -22.57 -12.68 8.54
CA HIS E 78 -21.66 -11.85 9.34
C HIS E 78 -22.41 -10.80 10.16
N GLU E 79 -23.36 -10.14 9.51
CA GLU E 79 -24.20 -9.11 10.13
C GLU E 79 -24.98 -9.68 11.30
N THR E 80 -25.42 -10.93 11.15
CA THR E 80 -26.16 -11.60 12.21
C THR E 80 -25.32 -11.83 13.43
N PHE E 81 -24.07 -12.23 13.24
CA PHE E 81 -23.20 -12.44 14.39
C PHE E 81 -22.83 -11.10 15.04
N ILE E 82 -22.55 -10.10 14.21
CA ILE E 82 -22.19 -8.78 14.73
C ILE E 82 -23.36 -8.26 15.56
N HIS E 83 -24.57 -8.40 15.03
CA HIS E 83 -25.78 -7.95 15.72
C HIS E 83 -25.89 -8.58 17.10
N ALA E 84 -25.59 -9.87 17.18
CA ALA E 84 -25.66 -10.61 18.43
C ALA E 84 -24.67 -10.05 19.45
N LEU E 85 -23.43 -9.83 19.01
CA LEU E 85 -22.37 -9.29 19.85
C LEU E 85 -22.73 -7.88 20.35
N ASP E 86 -23.40 -7.11 19.52
CA ASP E 86 -23.80 -5.75 19.87
C ASP E 86 -25.06 -5.68 20.74
N ASN E 87 -25.77 -6.80 20.83
CA ASN E 87 -26.98 -6.93 21.64
C ASN E 87 -26.79 -8.22 22.43
N TRP E 88 -25.64 -8.29 23.09
CA TRP E 88 -25.23 -9.45 23.87
C TRP E 88 -26.12 -9.80 25.04
N LYS E 89 -26.50 -11.07 25.11
CA LYS E 89 -27.37 -11.58 26.16
C LYS E 89 -26.72 -12.70 27.00
N GLY E 90 -25.42 -12.92 26.79
CA GLY E 90 -24.69 -13.92 27.55
C GLY E 90 -24.71 -15.37 27.08
N ASP E 91 -25.27 -15.61 25.90
CA ASP E 91 -25.32 -16.96 25.37
C ASP E 91 -24.01 -17.40 24.70
N VAL E 92 -23.03 -17.72 25.54
CA VAL E 92 -21.71 -18.17 25.10
C VAL E 92 -21.81 -19.48 24.33
N LYS E 93 -22.75 -20.34 24.73
CA LYS E 93 -22.96 -21.62 24.07
C LYS E 93 -23.40 -21.41 22.61
N TRP E 94 -24.30 -20.45 22.38
CA TRP E 94 -24.78 -20.14 21.03
C TRP E 94 -23.65 -19.59 20.16
N ALA E 95 -22.84 -18.72 20.74
CA ALA E 95 -21.70 -18.11 20.05
C ALA E 95 -20.70 -19.18 19.65
N LYS E 96 -20.41 -20.10 20.58
CA LYS E 96 -19.48 -21.20 20.32
C LYS E 96 -19.90 -21.99 19.11
N SER E 97 -21.18 -22.32 19.06
CA SER E 97 -21.75 -23.09 17.97
C SER E 97 -21.83 -22.29 16.67
N TRP E 98 -22.12 -20.99 16.79
CA TRP E 98 -22.25 -20.15 15.60
C TRP E 98 -20.93 -20.06 14.85
N LEU E 99 -19.85 -19.81 15.57
CA LEU E 99 -18.54 -19.70 14.95
C LEU E 99 -18.11 -21.02 14.31
N VAL E 100 -18.23 -22.12 15.06
CA VAL E 100 -17.85 -23.43 14.53
C VAL E 100 -18.57 -23.71 13.21
N ASN E 101 -19.88 -23.50 13.22
CA ASN E 101 -20.69 -23.75 12.04
C ASN E 101 -20.50 -22.74 10.90
N HIS E 102 -20.20 -21.49 11.23
CA HIS E 102 -19.99 -20.48 10.20
C HIS E 102 -18.75 -20.82 9.39
N ILE E 103 -17.68 -21.19 10.09
CA ILE E 103 -16.42 -21.54 9.41
C ILE E 103 -16.54 -22.81 8.58
N LYS E 104 -17.00 -23.89 9.21
CA LYS E 104 -17.12 -25.17 8.52
C LYS E 104 -18.19 -25.31 7.44
N THR E 105 -19.19 -24.42 7.43
CA THR E 105 -20.23 -24.51 6.41
C THR E 105 -20.30 -23.29 5.50
N ILE E 106 -19.98 -22.11 6.06
CA ILE E 106 -20.03 -20.89 5.24
C ILE E 106 -18.69 -20.43 4.72
N ASP E 107 -17.69 -20.37 5.60
CA ASP E 107 -16.35 -19.98 5.16
C ASP E 107 -15.77 -21.00 4.20
N PHE E 108 -15.94 -22.29 4.51
CA PHE E 108 -15.43 -23.36 3.66
C PHE E 108 -15.97 -23.29 2.23
N LYS E 109 -17.10 -22.62 2.04
CA LYS E 109 -17.67 -22.51 0.69
C LYS E 109 -16.82 -21.68 -0.27
N TYR E 110 -16.00 -20.77 0.27
CA TYR E 110 -15.16 -19.94 -0.59
C TYR E 110 -13.77 -20.53 -0.91
N LYS E 111 -13.50 -21.72 -0.37
CA LYS E 111 -12.23 -22.41 -0.60
C LYS E 111 -11.96 -22.52 -2.10
N GLY E 112 -10.78 -22.05 -2.52
CA GLY E 112 -10.38 -22.11 -3.91
C GLY E 112 -11.07 -21.11 -4.84
N LYS E 113 -11.86 -20.21 -4.25
CA LYS E 113 -12.58 -19.22 -5.03
C LYS E 113 -12.17 -17.78 -4.77
N ILE E 114 -11.29 -17.57 -3.80
CA ILE E 114 -10.83 -16.23 -3.46
C ILE E 114 -9.31 -16.16 -3.20
N GLY F 2 11.03 -36.19 -12.00
CA GLY F 2 10.47 -37.41 -12.66
C GLY F 2 8.99 -37.28 -12.95
N PHE F 3 8.48 -36.06 -12.89
CA PHE F 3 7.07 -35.82 -13.15
C PHE F 3 6.88 -35.70 -14.64
N PRO F 4 5.65 -35.97 -15.13
CA PRO F 4 5.42 -35.85 -16.58
C PRO F 4 5.51 -34.39 -17.05
N ILE F 5 5.87 -34.22 -18.32
CA ILE F 5 5.97 -32.90 -18.91
C ILE F 5 4.69 -32.70 -19.68
N PRO F 6 3.80 -31.84 -19.16
CA PRO F 6 2.53 -31.62 -19.86
C PRO F 6 2.67 -31.30 -21.34
N ASP F 7 1.74 -31.86 -22.12
CA ASP F 7 1.70 -31.68 -23.57
C ASP F 7 0.23 -31.60 -23.98
N PRO F 8 -0.24 -30.41 -24.39
CA PRO F 8 0.52 -29.14 -24.48
C PRO F 8 1.09 -28.64 -23.16
N TYR F 9 2.19 -27.88 -23.24
CA TYR F 9 2.85 -27.36 -22.06
C TYR F 9 2.06 -26.22 -21.46
N VAL F 10 1.13 -26.58 -20.58
CA VAL F 10 0.25 -25.61 -19.94
C VAL F 10 0.14 -26.00 -18.45
N TRP F 11 -0.19 -25.02 -17.61
CA TRP F 11 -0.35 -25.28 -16.18
C TRP F 11 -1.61 -26.13 -15.97
N ASP F 12 -1.59 -27.01 -14.99
CA ASP F 12 -2.77 -27.81 -14.66
C ASP F 12 -2.87 -27.90 -13.14
N PRO F 13 -4.06 -28.21 -12.61
CA PRO F 13 -4.29 -28.32 -11.15
C PRO F 13 -3.34 -29.16 -10.32
N SER F 14 -2.60 -30.08 -10.94
CA SER F 14 -1.69 -30.91 -10.16
C SER F 14 -0.50 -30.08 -9.69
N PHE F 15 -0.35 -28.88 -10.25
CA PHE F 15 0.71 -27.96 -9.88
C PHE F 15 0.33 -26.98 -8.78
N ARG F 16 -0.92 -27.05 -8.33
CA ARG F 16 -1.47 -26.17 -7.31
C ARG F 16 -0.72 -26.12 -5.97
N THR F 17 -0.36 -24.91 -5.55
CA THR F 17 0.34 -24.68 -4.28
C THR F 17 -0.67 -24.22 -3.23
N PHE F 18 -1.86 -23.86 -3.69
CA PHE F 18 -2.95 -23.37 -2.85
C PHE F 18 -2.81 -21.91 -2.46
N TYR F 19 -1.92 -21.21 -3.16
CA TYR F 19 -1.73 -19.78 -2.98
C TYR F 19 -2.20 -19.27 -4.33
N SER F 20 -3.40 -18.70 -4.35
CA SER F 20 -4.01 -18.22 -5.59
C SER F 20 -3.13 -17.34 -6.48
N ILE F 21 -2.43 -16.37 -5.89
CA ILE F 21 -1.58 -15.49 -6.68
C ILE F 21 -0.37 -16.21 -7.26
N ILE F 22 0.26 -17.08 -6.46
CA ILE F 22 1.41 -17.85 -6.93
C ILE F 22 1.00 -18.76 -8.08
N ASP F 23 -0.11 -19.47 -7.89
CA ASP F 23 -0.61 -20.38 -8.93
C ASP F 23 -0.89 -19.63 -10.22
N ASP F 24 -1.37 -18.40 -10.10
CA ASP F 24 -1.67 -17.57 -11.26
C ASP F 24 -0.39 -17.16 -11.95
N GLU F 25 0.65 -16.87 -11.18
CA GLU F 25 1.93 -16.51 -11.76
C GLU F 25 2.55 -17.73 -12.45
N HIS F 26 2.39 -18.92 -11.86
CA HIS F 26 2.90 -20.16 -12.45
C HIS F 26 2.27 -20.42 -13.82
N LYS F 27 1.01 -20.04 -13.97
CA LYS F 27 0.30 -20.23 -15.23
C LYS F 27 0.99 -19.43 -16.35
N THR F 28 1.51 -18.24 -15.99
CA THR F 28 2.21 -17.41 -16.98
C THR F 28 3.52 -18.06 -17.41
N LEU F 29 4.20 -18.71 -16.46
CA LEU F 29 5.47 -19.35 -16.77
C LEU F 29 5.33 -20.50 -17.77
N PHE F 30 4.26 -21.28 -17.65
CA PHE F 30 4.00 -22.39 -18.58
C PHE F 30 3.72 -21.80 -19.96
N ASN F 31 2.89 -20.75 -20.00
CA ASN F 31 2.54 -20.10 -21.26
C ASN F 31 3.77 -19.47 -21.93
N GLY F 32 4.69 -18.96 -21.13
CA GLY F 32 5.90 -18.36 -21.67
C GLY F 32 6.78 -19.40 -22.34
N ILE F 33 6.93 -20.54 -21.67
CA ILE F 33 7.73 -21.63 -22.21
C ILE F 33 7.05 -22.24 -23.43
N PHE F 34 5.71 -22.32 -23.38
CA PHE F 34 4.92 -22.87 -24.49
C PHE F 34 5.26 -22.21 -25.84
N HIS F 35 5.28 -20.88 -25.86
CA HIS F 35 5.59 -20.14 -27.08
C HIS F 35 7.07 -20.16 -27.46
N LEU F 36 7.92 -20.21 -26.44
CA LEU F 36 9.36 -20.25 -26.65
C LEU F 36 9.71 -21.56 -27.39
N ALA F 37 8.87 -22.57 -27.22
CA ALA F 37 9.07 -23.86 -27.87
C ALA F 37 8.68 -23.83 -29.35
N ILE F 38 7.69 -22.99 -29.67
CA ILE F 38 7.19 -22.86 -31.04
C ILE F 38 8.04 -21.86 -31.84
N ASP F 39 8.35 -20.73 -31.22
CA ASP F 39 9.14 -19.69 -31.85
C ASP F 39 10.15 -19.14 -30.84
N ASP F 40 11.28 -19.83 -30.74
CA ASP F 40 12.36 -19.51 -29.83
C ASP F 40 13.06 -18.22 -30.27
N ASN F 41 12.39 -17.08 -30.04
CA ASN F 41 12.92 -15.76 -30.40
C ASN F 41 13.09 -14.84 -29.20
N ALA F 42 13.54 -13.61 -29.47
CA ALA F 42 13.79 -12.61 -28.43
C ALA F 42 12.54 -12.09 -27.71
N ASP F 43 11.46 -11.90 -28.46
CA ASP F 43 10.21 -11.41 -27.89
C ASP F 43 9.63 -12.42 -26.89
N ASN F 44 9.59 -13.70 -27.30
CA ASN F 44 9.06 -14.76 -26.46
C ASN F 44 9.92 -15.05 -25.26
N LEU F 45 11.23 -14.89 -25.41
CA LEU F 45 12.14 -15.12 -24.30
C LEU F 45 11.98 -13.96 -23.31
N GLY F 46 11.69 -12.78 -23.86
CA GLY F 46 11.50 -11.59 -23.06
C GLY F 46 10.23 -11.66 -22.21
N GLU F 47 9.17 -12.21 -22.81
CA GLU F 47 7.90 -12.36 -22.12
C GLU F 47 8.13 -13.27 -20.90
N LEU F 48 8.60 -14.49 -21.16
CA LEU F 48 8.90 -15.48 -20.14
C LEU F 48 9.85 -14.91 -19.10
N ARG F 49 10.89 -14.21 -19.56
CA ARG F 49 11.87 -13.61 -18.64
C ARG F 49 11.20 -12.62 -17.69
N ARG F 50 10.30 -11.78 -18.23
CA ARG F 50 9.58 -10.81 -17.42
C ARG F 50 8.72 -11.48 -16.34
N CYS F 51 7.89 -12.43 -16.77
CA CYS F 51 7.02 -13.16 -15.84
C CYS F 51 7.84 -13.98 -14.84
N THR F 52 8.98 -14.52 -15.29
CA THR F 52 9.85 -15.32 -14.43
C THR F 52 10.52 -14.43 -13.37
N GLY F 53 11.11 -13.32 -13.78
CA GLY F 53 11.75 -12.43 -12.84
C GLY F 53 10.77 -11.89 -11.81
N LYS F 54 9.56 -11.58 -12.28
CA LYS F 54 8.50 -11.06 -11.42
C LYS F 54 7.96 -12.13 -10.48
N HIS F 55 7.67 -13.32 -11.03
CA HIS F 55 7.16 -14.39 -10.18
C HIS F 55 8.16 -14.78 -9.10
N PHE F 56 9.42 -14.90 -9.48
CA PHE F 56 10.46 -15.30 -8.53
C PHE F 56 10.62 -14.27 -7.41
N LEU F 57 10.55 -12.99 -7.75
CA LEU F 57 10.67 -11.95 -6.75
C LEU F 57 9.45 -11.98 -5.83
N ASN F 58 8.26 -12.03 -6.43
CA ASN F 58 7.02 -12.06 -5.65
C ASN F 58 6.98 -13.26 -4.72
N GLU F 59 7.37 -14.42 -5.24
CA GLU F 59 7.37 -15.65 -4.46
C GLU F 59 8.38 -15.54 -3.34
N GLN F 60 9.51 -14.90 -3.62
CA GLN F 60 10.54 -14.70 -2.61
C GLN F 60 10.02 -13.79 -1.52
N VAL F 61 9.28 -12.75 -1.92
CA VAL F 61 8.70 -11.83 -0.93
C VAL F 61 7.72 -12.57 0.00
N LEU F 62 6.84 -13.40 -0.55
CA LEU F 62 5.89 -14.16 0.27
C LEU F 62 6.64 -15.12 1.19
N MET F 63 7.72 -15.72 0.69
CA MET F 63 8.51 -16.62 1.51
C MET F 63 9.14 -15.87 2.68
N GLN F 64 9.65 -14.67 2.39
CA GLN F 64 10.28 -13.84 3.41
C GLN F 64 9.25 -13.32 4.43
N ALA F 65 8.00 -13.17 3.99
CA ALA F 65 6.92 -12.70 4.87
C ALA F 65 6.71 -13.57 6.10
N SER F 66 7.06 -14.85 5.99
CA SER F 66 6.94 -15.80 7.10
C SER F 66 8.31 -16.39 7.40
N GLN F 67 9.36 -15.70 6.94
CA GLN F 67 10.74 -16.12 7.14
C GLN F 67 10.90 -17.62 6.86
N TYR F 68 10.42 -18.04 5.69
CA TYR F 68 10.47 -19.42 5.25
C TYR F 68 11.82 -20.06 5.55
N GLN F 69 11.79 -21.20 6.23
CA GLN F 69 13.00 -21.91 6.63
C GLN F 69 13.99 -22.24 5.51
N PHE F 70 13.49 -22.62 4.34
CA PHE F 70 14.35 -22.99 3.24
C PHE F 70 14.40 -21.97 2.14
N TYR F 71 14.40 -20.70 2.53
CA TYR F 71 14.45 -19.62 1.57
C TYR F 71 15.76 -19.62 0.78
N ASP F 72 16.89 -19.66 1.46
CA ASP F 72 18.19 -19.62 0.79
C ASP F 72 18.38 -20.62 -0.34
N GLU F 73 18.11 -21.89 -0.07
CA GLU F 73 18.25 -22.90 -1.11
C GLU F 73 17.27 -22.63 -2.23
N HIS F 74 16.07 -22.18 -1.87
CA HIS F 74 15.05 -21.89 -2.89
C HIS F 74 15.50 -20.75 -3.82
N LYS F 75 16.04 -19.68 -3.23
CA LYS F 75 16.52 -18.53 -3.99
C LYS F 75 17.63 -18.93 -4.97
N LYS F 76 18.50 -19.85 -4.53
CA LYS F 76 19.60 -20.33 -5.37
C LYS F 76 19.04 -21.02 -6.62
N GLU F 77 17.93 -21.75 -6.47
CA GLU F 77 17.29 -22.44 -7.59
C GLU F 77 16.76 -21.41 -8.57
N HIS F 78 16.14 -20.36 -8.03
CA HIS F 78 15.58 -19.28 -8.83
C HIS F 78 16.68 -18.63 -9.68
N GLU F 79 17.80 -18.33 -9.03
CA GLU F 79 18.94 -17.71 -9.70
C GLU F 79 19.47 -18.54 -10.88
N THR F 80 19.45 -19.86 -10.72
CA THR F 80 19.90 -20.78 -11.76
C THR F 80 19.03 -20.72 -13.00
N PHE F 81 17.72 -20.63 -12.81
CA PHE F 81 16.82 -20.53 -13.96
C PHE F 81 16.91 -19.16 -14.65
N ILE F 82 17.09 -18.10 -13.86
CA ILE F 82 17.22 -16.75 -14.40
C ILE F 82 18.50 -16.68 -15.22
N HIS F 83 19.58 -17.24 -14.67
CA HIS F 83 20.88 -17.28 -15.34
C HIS F 83 20.79 -18.01 -16.68
N ALA F 84 19.99 -19.07 -16.72
CA ALA F 84 19.80 -19.84 -17.94
C ALA F 84 19.04 -19.03 -18.98
N LEU F 85 18.08 -18.23 -18.53
CA LEU F 85 17.31 -17.39 -19.43
C LEU F 85 18.13 -16.21 -19.95
N ASP F 86 19.08 -15.74 -19.14
CA ASP F 86 19.94 -14.63 -19.54
C ASP F 86 21.17 -15.05 -20.36
N ASN F 87 21.32 -16.37 -20.52
CA ASN F 87 22.41 -16.96 -21.28
C ASN F 87 21.73 -18.11 -22.02
N TRP F 88 20.63 -17.77 -22.67
CA TRP F 88 19.80 -18.71 -23.39
C TRP F 88 20.49 -19.35 -24.57
N LYS F 89 20.56 -20.68 -24.54
CA LYS F 89 21.18 -21.45 -25.60
C LYS F 89 20.15 -22.28 -26.38
N GLY F 90 18.86 -21.96 -26.18
CA GLY F 90 17.79 -22.65 -26.88
C GLY F 90 17.30 -24.01 -26.39
N ASP F 91 17.69 -24.41 -25.18
CA ASP F 91 17.24 -25.71 -24.67
C ASP F 91 15.84 -25.65 -24.04
N VAL F 92 14.81 -25.64 -24.89
CA VAL F 92 13.41 -25.58 -24.45
C VAL F 92 13.01 -26.77 -23.60
N LYS F 93 13.46 -27.97 -23.97
CA LYS F 93 13.16 -29.19 -23.24
C LYS F 93 13.66 -29.09 -21.80
N TRP F 94 14.86 -28.56 -21.63
CA TRP F 94 15.42 -28.40 -20.29
C TRP F 94 14.59 -27.43 -19.46
N ALA F 95 14.18 -26.30 -20.06
CA ALA F 95 13.34 -25.33 -19.34
C ALA F 95 11.99 -25.95 -18.96
N LYS F 96 11.41 -26.73 -19.87
CA LYS F 96 10.13 -27.39 -19.61
C LYS F 96 10.22 -28.29 -18.38
N SER F 97 11.28 -29.08 -18.30
CA SER F 97 11.47 -29.97 -17.16
C SER F 97 11.93 -29.22 -15.92
N TRP F 98 12.64 -28.11 -16.11
CA TRP F 98 13.11 -27.34 -14.97
C TRP F 98 11.94 -26.74 -14.20
N LEU F 99 10.99 -26.14 -14.93
CA LEU F 99 9.83 -25.53 -14.31
C LEU F 99 8.95 -26.57 -13.61
N VAL F 100 8.61 -27.63 -14.33
CA VAL F 100 7.78 -28.70 -13.78
C VAL F 100 8.38 -29.19 -12.46
N ASN F 101 9.67 -29.52 -12.47
CA ASN F 101 10.31 -30.01 -11.26
C ASN F 101 10.49 -28.97 -10.17
N HIS F 102 10.72 -27.73 -10.55
CA HIS F 102 10.88 -26.69 -9.55
C HIS F 102 9.61 -26.51 -8.71
N ILE F 103 8.47 -26.40 -9.38
CA ILE F 103 7.19 -26.22 -8.70
C ILE F 103 6.85 -27.42 -7.82
N LYS F 104 6.86 -28.61 -8.42
CA LYS F 104 6.51 -29.83 -7.70
C LYS F 104 7.44 -30.32 -6.60
N THR F 105 8.73 -29.97 -6.68
CA THR F 105 9.66 -30.42 -5.65
C THR F 105 10.17 -29.29 -4.75
N ILE F 106 10.35 -28.09 -5.31
CA ILE F 106 10.87 -26.98 -4.53
C ILE F 106 9.78 -26.04 -4.02
N ASP F 107 8.86 -25.64 -4.90
CA ASP F 107 7.77 -24.77 -4.49
C ASP F 107 6.86 -25.47 -3.51
N PHE F 108 6.55 -26.74 -3.81
CA PHE F 108 5.68 -27.52 -2.96
C PHE F 108 6.18 -27.61 -1.52
N LYS F 109 7.47 -27.37 -1.32
CA LYS F 109 8.03 -27.40 0.03
C LYS F 109 7.49 -26.29 0.93
N TYR F 110 7.08 -25.17 0.34
CA TYR F 110 6.56 -24.08 1.17
C TYR F 110 5.08 -24.14 1.48
N LYS F 111 4.39 -25.18 0.97
CA LYS F 111 2.96 -25.33 1.23
C LYS F 111 2.62 -25.32 2.73
N GLY F 112 1.77 -24.35 3.09
CA GLY F 112 1.35 -24.19 4.48
C GLY F 112 2.38 -23.52 5.37
N LYS F 113 3.48 -23.05 4.79
CA LYS F 113 4.51 -22.39 5.60
C LYS F 113 4.66 -20.90 5.30
N ILE F 114 3.95 -20.40 4.27
CA ILE F 114 4.02 -18.98 3.90
C ILE F 114 2.65 -18.36 3.62
N GLY G 2 -15.19 -13.14 -35.18
CA GLY G 2 -14.41 -13.22 -36.46
C GLY G 2 -12.97 -13.66 -36.25
N PHE G 3 -12.43 -13.39 -35.07
CA PHE G 3 -11.06 -13.77 -34.74
C PHE G 3 -10.94 -15.27 -34.58
N PRO G 4 -9.78 -15.84 -34.94
CA PRO G 4 -9.57 -17.29 -34.82
C PRO G 4 -9.47 -17.73 -33.37
N ILE G 5 -10.09 -18.86 -33.05
CA ILE G 5 -10.06 -19.39 -31.70
C ILE G 5 -8.80 -20.25 -31.55
N PRO G 6 -7.87 -19.84 -30.66
CA PRO G 6 -6.63 -20.57 -30.42
C PRO G 6 -6.86 -22.05 -30.11
N ASP G 7 -6.01 -22.90 -30.68
CA ASP G 7 -6.08 -24.35 -30.48
C ASP G 7 -4.65 -24.89 -30.52
N PRO G 8 -4.12 -25.30 -29.35
CA PRO G 8 -4.73 -25.29 -28.01
C PRO G 8 -5.18 -23.93 -27.52
N TYR G 9 -6.26 -23.90 -26.75
CA TYR G 9 -6.77 -22.64 -26.23
C TYR G 9 -5.83 -22.10 -25.17
N VAL G 10 -4.89 -21.27 -25.61
CA VAL G 10 -3.90 -20.68 -24.72
C VAL G 10 -3.62 -19.25 -25.16
N TRP G 11 -3.24 -18.39 -24.22
CA TRP G 11 -2.94 -17.00 -24.54
C TRP G 11 -1.75 -16.94 -25.50
N ASP G 12 -1.76 -15.94 -26.38
CA ASP G 12 -0.65 -15.73 -27.31
C ASP G 12 -0.43 -14.22 -27.47
N PRO G 13 0.78 -13.79 -27.89
CA PRO G 13 1.15 -12.39 -28.09
C PRO G 13 0.17 -11.47 -28.83
N SER G 14 -0.65 -12.02 -29.73
CA SER G 14 -1.63 -11.20 -30.47
C SER G 14 -2.71 -10.62 -29.55
N PHE G 15 -2.80 -11.15 -28.33
CA PHE G 15 -3.77 -10.69 -27.35
C PHE G 15 -3.20 -9.61 -26.44
N ARG G 16 -1.96 -9.23 -26.70
CA ARG G 16 -1.24 -8.22 -25.92
C ARG G 16 -1.92 -6.84 -25.86
N THR G 17 -2.09 -6.33 -24.64
CA THR G 17 -2.70 -5.02 -24.42
C THR G 17 -1.61 -4.01 -24.09
N PHE G 18 -0.44 -4.54 -23.77
CA PHE G 18 0.74 -3.77 -23.38
C PHE G 18 0.76 -3.37 -21.91
N TYR G 19 -0.17 -3.92 -21.14
CA TYR G 19 -0.20 -3.72 -19.69
C TYR G 19 0.20 -5.09 -19.15
N SER G 20 1.37 -5.16 -18.52
CA SER G 20 1.91 -6.41 -18.00
C SER G 20 0.96 -7.21 -17.13
N ILE G 21 0.46 -6.57 -16.08
CA ILE G 21 -0.49 -7.19 -15.13
C ILE G 21 -1.70 -7.78 -15.83
N ILE G 22 -2.33 -6.96 -16.67
CA ILE G 22 -3.52 -7.35 -17.42
C ILE G 22 -3.24 -8.57 -18.27
N ASP G 23 -2.16 -8.50 -19.05
CA ASP G 23 -1.77 -9.59 -19.94
C ASP G 23 -1.56 -10.90 -19.19
N ASP G 24 -0.90 -10.82 -18.04
CA ASP G 24 -0.65 -12.02 -17.23
C ASP G 24 -1.96 -12.60 -16.71
N GLU G 25 -2.88 -11.71 -16.31
CA GLU G 25 -4.18 -12.13 -15.82
C GLU G 25 -4.97 -12.77 -16.97
N HIS G 26 -4.77 -12.25 -18.18
CA HIS G 26 -5.46 -12.80 -19.35
C HIS G 26 -5.00 -14.23 -19.60
N LYS G 27 -3.73 -14.50 -19.31
CA LYS G 27 -3.16 -15.84 -19.49
C LYS G 27 -3.85 -16.87 -18.59
N THR G 28 -4.27 -16.42 -17.40
CA THR G 28 -4.94 -17.32 -16.45
C THR G 28 -6.35 -17.65 -16.93
N LEU G 29 -6.98 -16.71 -17.66
CA LEU G 29 -8.32 -16.96 -18.16
C LEU G 29 -8.32 -17.98 -19.28
N PHE G 30 -7.31 -17.93 -20.16
CA PHE G 30 -7.22 -18.89 -21.25
C PHE G 30 -7.02 -20.30 -20.68
N ASN G 31 -6.15 -20.41 -19.68
CA ASN G 31 -5.85 -21.68 -19.02
C ASN G 31 -7.08 -22.26 -18.33
N GLY G 32 -7.86 -21.38 -17.70
CA GLY G 32 -9.07 -21.78 -17.00
C GLY G 32 -10.06 -22.40 -17.97
N ILE G 33 -10.27 -21.74 -19.11
CA ILE G 33 -11.20 -22.24 -20.12
C ILE G 33 -10.66 -23.51 -20.78
N PHE G 34 -9.34 -23.58 -20.94
CA PHE G 34 -8.67 -24.74 -21.53
C PHE G 34 -9.06 -26.03 -20.78
N HIS G 35 -8.96 -26.00 -19.45
CA HIS G 35 -9.30 -27.15 -18.64
C HIS G 35 -10.79 -27.44 -18.55
N LEU G 36 -11.62 -26.39 -18.62
CA LEU G 36 -13.09 -26.53 -18.58
C LEU G 36 -13.55 -27.35 -19.78
N ALA G 37 -12.86 -27.14 -20.91
CA ALA G 37 -13.16 -27.83 -22.17
C ALA G 37 -12.82 -29.31 -22.07
N ILE G 38 -11.84 -29.65 -21.24
CA ILE G 38 -11.45 -31.05 -21.06
C ILE G 38 -12.37 -31.70 -20.02
N ASP G 39 -12.44 -31.12 -18.83
CA ASP G 39 -13.31 -31.63 -17.77
C ASP G 39 -14.13 -30.47 -17.23
N ASP G 40 -15.38 -30.43 -17.66
CA ASP G 40 -16.34 -29.41 -17.28
C ASP G 40 -16.90 -29.71 -15.88
N ASN G 41 -16.08 -29.48 -14.85
CA ASN G 41 -16.49 -29.73 -13.47
C ASN G 41 -16.44 -28.50 -12.55
N ALA G 42 -16.87 -28.68 -11.31
CA ALA G 42 -16.90 -27.59 -10.35
C ALA G 42 -15.52 -27.01 -10.06
N ASP G 43 -14.51 -27.86 -9.95
CA ASP G 43 -13.16 -27.38 -9.66
C ASP G 43 -12.54 -26.56 -10.78
N ASN G 44 -12.77 -26.96 -12.03
CA ASN G 44 -12.24 -26.22 -13.16
C ASN G 44 -13.04 -24.93 -13.38
N LEU G 45 -14.36 -25.00 -13.18
CA LEU G 45 -15.20 -23.81 -13.32
C LEU G 45 -14.83 -22.78 -12.25
N GLY G 46 -14.56 -23.27 -11.04
CA GLY G 46 -14.18 -22.39 -9.95
C GLY G 46 -12.83 -21.73 -10.16
N GLU G 47 -11.87 -22.45 -10.75
CA GLU G 47 -10.55 -21.88 -11.00
C GLU G 47 -10.73 -20.70 -11.94
N LEU G 48 -11.43 -20.93 -13.04
CA LEU G 48 -11.72 -19.89 -14.01
C LEU G 48 -12.51 -18.74 -13.36
N ARG G 49 -13.56 -19.07 -12.61
CA ARG G 49 -14.39 -18.09 -11.93
C ARG G 49 -13.59 -17.14 -11.03
N ARG G 50 -12.71 -17.71 -10.20
CA ARG G 50 -11.89 -16.89 -9.29
C ARG G 50 -11.02 -15.95 -10.13
N CYS G 51 -10.32 -16.54 -11.10
CA CYS G 51 -9.45 -15.79 -11.98
C CYS G 51 -10.17 -14.70 -12.76
N THR G 52 -11.35 -15.02 -13.29
CA THR G 52 -12.17 -14.10 -14.06
C THR G 52 -12.68 -12.96 -13.16
N GLY G 53 -13.18 -13.32 -11.98
CA GLY G 53 -13.68 -12.33 -11.05
C GLY G 53 -12.58 -11.38 -10.63
N LYS G 54 -11.41 -11.92 -10.30
CA LYS G 54 -10.29 -11.09 -9.89
C LYS G 54 -9.79 -10.22 -11.04
N HIS G 55 -9.63 -10.83 -12.23
CA HIS G 55 -9.17 -10.07 -13.38
C HIS G 55 -10.08 -8.90 -13.70
N PHE G 56 -11.38 -9.18 -13.84
CA PHE G 56 -12.38 -8.16 -14.14
C PHE G 56 -12.36 -7.01 -13.13
N LEU G 57 -12.30 -7.35 -11.84
CA LEU G 57 -12.26 -6.32 -10.82
C LEU G 57 -10.98 -5.49 -10.96
N ASN G 58 -9.84 -6.16 -11.06
CA ASN G 58 -8.55 -5.49 -11.19
C ASN G 58 -8.48 -4.60 -12.43
N GLU G 59 -9.01 -5.08 -13.54
CA GLU G 59 -9.01 -4.33 -14.78
C GLU G 59 -9.93 -3.12 -14.64
N GLN G 60 -11.04 -3.30 -13.94
CA GLN G 60 -11.98 -2.21 -13.71
C GLN G 60 -11.32 -1.12 -12.84
N VAL G 61 -10.51 -1.54 -11.87
CA VAL G 61 -9.80 -0.62 -10.98
C VAL G 61 -8.77 0.18 -11.78
N LEU G 62 -8.15 -0.46 -12.77
CA LEU G 62 -7.17 0.22 -13.61
C LEU G 62 -7.90 1.21 -14.52
N MET G 63 -9.02 0.79 -15.08
CA MET G 63 -9.81 1.67 -15.94
C MET G 63 -10.28 2.89 -15.16
N GLN G 64 -10.75 2.68 -13.95
CA GLN G 64 -11.23 3.78 -13.10
C GLN G 64 -10.11 4.73 -12.68
N ALA G 65 -8.87 4.23 -12.59
CA ALA G 65 -7.73 5.06 -12.17
C ALA G 65 -7.43 6.22 -13.12
N SER G 66 -7.89 6.10 -14.37
CA SER G 66 -7.72 7.14 -15.37
C SER G 66 -9.11 7.57 -15.83
N GLN G 67 -10.12 7.20 -15.03
CA GLN G 67 -11.50 7.51 -15.33
C GLN G 67 -11.80 7.19 -16.80
N TYR G 68 -11.47 5.95 -17.19
CA TYR G 68 -11.67 5.48 -18.55
C TYR G 68 -13.06 5.82 -19.07
N GLN G 69 -13.10 6.46 -20.24
CA GLN G 69 -14.34 6.91 -20.86
C GLN G 69 -15.40 5.87 -21.13
N PHE G 70 -14.99 4.68 -21.55
CA PHE G 70 -15.96 3.64 -21.85
C PHE G 70 -16.07 2.55 -20.77
N TYR G 71 -15.91 2.98 -19.52
CA TYR G 71 -15.97 2.09 -18.37
C TYR G 71 -17.31 1.39 -18.16
N ASP G 72 -18.41 2.12 -18.31
CA ASP G 72 -19.72 1.50 -18.11
C ASP G 72 -20.01 0.39 -19.10
N GLU G 73 -19.76 0.63 -20.39
CA GLU G 73 -20.03 -0.40 -21.40
C GLU G 73 -19.14 -1.61 -21.16
N HIS G 74 -17.93 -1.37 -20.67
CA HIS G 74 -16.97 -2.43 -20.40
C HIS G 74 -17.38 -3.27 -19.20
N LYS G 75 -17.89 -2.62 -18.15
CA LYS G 75 -18.33 -3.30 -16.95
C LYS G 75 -19.52 -4.22 -17.25
N LYS G 76 -20.41 -3.75 -18.12
CA LYS G 76 -21.60 -4.51 -18.53
C LYS G 76 -21.18 -5.80 -19.25
N GLU G 77 -20.08 -5.72 -20.02
CA GLU G 77 -19.56 -6.90 -20.72
C GLU G 77 -19.06 -7.90 -19.69
N HIS G 78 -18.28 -7.42 -18.73
CA HIS G 78 -17.75 -8.26 -17.66
C HIS G 78 -18.87 -9.00 -16.92
N GLU G 79 -19.91 -8.26 -16.53
CA GLU G 79 -21.04 -8.84 -15.81
C GLU G 79 -21.70 -9.94 -16.62
N THR G 80 -21.76 -9.74 -17.94
CA THR G 80 -22.35 -10.72 -18.84
C THR G 80 -21.63 -12.06 -18.71
N PHE G 81 -20.30 -12.02 -18.77
CA PHE G 81 -19.49 -13.23 -18.65
C PHE G 81 -19.61 -13.89 -17.26
N ILE G 82 -19.56 -13.08 -16.20
CA ILE G 82 -19.66 -13.59 -14.83
C ILE G 82 -20.99 -14.31 -14.66
N HIS G 83 -22.05 -13.70 -15.20
CA HIS G 83 -23.39 -14.27 -15.12
C HIS G 83 -23.42 -15.64 -15.76
N ALA G 84 -22.76 -15.79 -16.90
CA ALA G 84 -22.71 -17.05 -17.63
C ALA G 84 -21.98 -18.11 -16.82
N LEU G 85 -20.89 -17.70 -16.16
CA LEU G 85 -20.10 -18.61 -15.35
C LEU G 85 -20.88 -19.03 -14.10
N ASP G 86 -21.71 -18.14 -13.57
CA ASP G 86 -22.51 -18.43 -12.37
C ASP G 86 -23.81 -19.17 -12.65
N ASN G 87 -24.13 -19.30 -13.94
CA ASN G 87 -25.32 -20.01 -14.39
C ASN G 87 -24.79 -20.82 -15.57
N TRP G 88 -23.75 -21.59 -15.28
CA TRP G 88 -23.07 -22.41 -16.29
C TRP G 88 -23.90 -23.54 -16.87
N LYS G 89 -23.96 -23.56 -18.20
CA LYS G 89 -24.71 -24.58 -18.94
C LYS G 89 -23.78 -25.40 -19.84
N GLY G 90 -22.46 -25.29 -19.59
CA GLY G 90 -21.49 -26.06 -20.34
C GLY G 90 -21.13 -25.71 -21.78
N ASP G 91 -21.42 -24.48 -22.20
CA ASP G 91 -21.09 -24.08 -23.56
C ASP G 91 -19.66 -23.54 -23.61
N VAL G 92 -18.69 -24.45 -23.63
CA VAL G 92 -17.28 -24.09 -23.67
C VAL G 92 -16.92 -23.33 -24.94
N LYS G 93 -17.56 -23.72 -26.04
CA LYS G 93 -17.34 -23.09 -27.35
C LYS G 93 -17.66 -21.60 -27.23
N TRP G 94 -18.80 -21.30 -26.62
CA TRP G 94 -19.22 -19.91 -26.43
C TRP G 94 -18.20 -19.15 -25.57
N ALA G 95 -17.75 -19.77 -24.48
CA ALA G 95 -16.79 -19.16 -23.55
C ALA G 95 -15.46 -18.83 -24.24
N LYS G 96 -14.98 -19.75 -25.06
CA LYS G 96 -13.73 -19.57 -25.79
C LYS G 96 -13.87 -18.36 -26.71
N SER G 97 -14.97 -18.30 -27.44
CA SER G 97 -15.23 -17.19 -28.35
C SER G 97 -15.43 -15.87 -27.59
N TRP G 98 -16.14 -15.92 -26.46
CA TRP G 98 -16.41 -14.72 -25.66
C TRP G 98 -15.13 -14.04 -25.19
N LEU G 99 -14.21 -14.81 -24.60
CA LEU G 99 -12.94 -14.26 -24.10
C LEU G 99 -12.08 -13.66 -25.22
N VAL G 100 -11.95 -14.40 -26.32
CA VAL G 100 -11.16 -13.96 -27.46
C VAL G 100 -11.66 -12.61 -27.96
N ASN G 101 -12.96 -12.54 -28.22
CA ASN G 101 -13.57 -11.31 -28.71
C ASN G 101 -13.60 -10.19 -27.68
N HIS G 102 -13.73 -10.52 -26.40
CA HIS G 102 -13.75 -9.47 -25.38
C HIS G 102 -12.40 -8.78 -25.33
N ILE G 103 -11.32 -9.56 -25.36
CA ILE G 103 -9.99 -8.99 -25.31
C ILE G 103 -9.66 -8.17 -26.56
N LYS G 104 -9.85 -8.77 -27.74
CA LYS G 104 -9.52 -8.10 -28.98
C LYS G 104 -10.41 -6.94 -29.44
N THR G 105 -11.64 -6.87 -28.95
CA THR G 105 -12.50 -5.74 -29.34
C THR G 105 -12.81 -4.81 -28.18
N ILE G 106 -13.08 -5.36 -27.00
CA ILE G 106 -13.40 -4.53 -25.83
C ILE G 106 -12.19 -4.09 -25.02
N ASP G 107 -11.34 -5.04 -24.61
CA ASP G 107 -10.13 -4.68 -23.86
C ASP G 107 -9.18 -3.79 -24.67
N PHE G 108 -9.01 -4.10 -25.95
CA PHE G 108 -8.10 -3.33 -26.81
C PHE G 108 -8.48 -1.85 -26.90
N LYS G 109 -9.76 -1.55 -26.67
CA LYS G 109 -10.24 -0.17 -26.72
C LYS G 109 -9.63 0.72 -25.64
N TYR G 110 -9.10 0.12 -24.57
CA TYR G 110 -8.49 0.94 -23.51
C TYR G 110 -6.99 1.13 -23.67
N LYS G 111 -6.43 0.63 -24.77
CA LYS G 111 -5.00 0.77 -25.03
C LYS G 111 -4.60 2.24 -25.06
N GLY G 112 -3.59 2.56 -24.26
CA GLY G 112 -3.10 3.93 -24.18
C GLY G 112 -4.01 4.87 -23.43
N LYS G 113 -5.07 4.34 -22.80
CA LYS G 113 -6.01 5.19 -22.07
C LYS G 113 -6.07 4.95 -20.57
N ILE G 114 -5.35 3.93 -20.11
CA ILE G 114 -5.32 3.58 -18.69
C ILE G 114 -3.92 3.22 -18.21
N GLY H 2 22.00 9.93 -31.57
CA GLY H 2 21.87 10.47 -32.97
C GLY H 2 20.45 10.92 -33.28
N PHE H 3 19.60 10.95 -32.27
CA PHE H 3 18.20 11.36 -32.41
C PHE H 3 18.07 12.89 -32.35
N PRO H 4 17.06 13.45 -33.04
CA PRO H 4 16.89 14.90 -33.01
C PRO H 4 16.55 15.42 -31.62
N ILE H 5 17.03 16.62 -31.32
CA ILE H 5 16.76 17.24 -30.03
C ILE H 5 15.52 18.09 -30.26
N PRO H 6 14.41 17.76 -29.57
CA PRO H 6 13.18 18.53 -29.75
C PRO H 6 13.31 20.03 -29.45
N ASP H 7 12.68 20.83 -30.29
CA ASP H 7 12.66 22.28 -30.14
C ASP H 7 11.25 22.77 -30.49
N PRO H 8 10.50 23.24 -29.50
CA PRO H 8 10.89 23.37 -28.09
C PRO H 8 11.18 22.03 -27.41
N TYR H 9 12.02 22.06 -26.39
CA TYR H 9 12.39 20.86 -25.67
C TYR H 9 11.25 20.39 -24.77
N VAL H 10 10.37 19.57 -25.34
CA VAL H 10 9.20 19.04 -24.65
C VAL H 10 9.01 17.57 -25.05
N TRP H 11 8.46 16.76 -24.15
CA TRP H 11 8.23 15.34 -24.44
C TRP H 11 7.29 15.19 -25.62
N ASP H 12 7.47 14.12 -26.39
CA ASP H 12 6.57 13.84 -27.50
C ASP H 12 6.41 12.33 -27.60
N PRO H 13 5.32 11.88 -28.25
CA PRO H 13 5.03 10.45 -28.42
C PRO H 13 6.15 9.52 -28.90
N SER H 14 7.15 10.04 -29.62
CA SER H 14 8.23 9.17 -30.10
C SER H 14 9.10 8.64 -28.94
N PHE H 15 8.92 9.23 -27.77
CA PHE H 15 9.66 8.84 -26.57
C PHE H 15 8.87 7.83 -25.71
N ARG H 16 7.69 7.45 -26.19
CA ARG H 16 6.80 6.52 -25.49
C ARG H 16 7.39 5.13 -25.22
N THR H 17 7.38 4.73 -23.95
CA THR H 17 7.86 3.41 -23.54
C THR H 17 6.69 2.45 -23.40
N PHE H 18 5.48 3.01 -23.38
CA PHE H 18 4.23 2.28 -23.22
C PHE H 18 3.94 1.93 -21.78
N TYR H 19 4.62 2.60 -20.85
CA TYR H 19 4.38 2.43 -19.43
C TYR H 19 3.91 3.83 -19.05
N SER H 20 2.59 3.98 -18.97
CA SER H 20 1.95 5.25 -18.68
C SER H 20 2.61 6.08 -17.59
N ILE H 21 2.90 5.46 -16.46
CA ILE H 21 3.50 6.18 -15.36
C ILE H 21 4.91 6.68 -15.67
N ILE H 22 5.68 5.84 -16.35
CA ILE H 22 7.04 6.20 -16.73
C ILE H 22 6.99 7.32 -17.76
N ASP H 23 6.06 7.23 -18.70
CA ASP H 23 5.94 8.26 -19.72
C ASP H 23 5.59 9.62 -19.11
N ASP H 24 4.74 9.59 -18.08
CA ASP H 24 4.33 10.80 -17.38
C ASP H 24 5.48 11.41 -16.61
N GLU H 25 6.37 10.56 -16.10
CA GLU H 25 7.55 11.03 -15.36
C GLU H 25 8.56 11.62 -16.36
N HIS H 26 8.64 11.02 -17.55
CA HIS H 26 9.55 11.52 -18.58
C HIS H 26 9.14 12.93 -18.98
N LYS H 27 7.83 13.16 -19.08
CA LYS H 27 7.30 14.47 -19.44
C LYS H 27 7.82 15.57 -18.50
N THR H 28 8.02 15.21 -17.22
CA THR H 28 8.52 16.16 -16.24
C THR H 28 10.02 16.46 -16.42
N LEU H 29 10.78 15.49 -16.90
CA LEU H 29 12.21 15.70 -17.08
C LEU H 29 12.44 16.67 -18.26
N PHE H 30 11.61 16.56 -19.30
CA PHE H 30 11.71 17.45 -20.44
C PHE H 30 11.39 18.87 -19.99
N ASN H 31 10.30 19.02 -19.23
CA ASN H 31 9.88 20.32 -18.73
C ASN H 31 10.95 20.93 -17.84
N GLY H 32 11.61 20.09 -17.04
CA GLY H 32 12.65 20.56 -16.14
C GLY H 32 13.88 21.12 -16.85
N ILE H 33 14.28 20.47 -17.94
CA ILE H 33 15.43 20.89 -18.72
C ILE H 33 15.07 22.13 -19.55
N PHE H 34 13.82 22.18 -20.02
CA PHE H 34 13.29 23.30 -20.80
C PHE H 34 13.52 24.60 -20.05
N HIS H 35 13.06 24.68 -18.81
CA HIS H 35 13.22 25.88 -18.00
C HIS H 35 14.67 26.15 -17.63
N LEU H 36 15.44 25.09 -17.39
CA LEU H 36 16.84 25.23 -17.02
C LEU H 36 17.61 25.92 -18.17
N ALA H 37 17.15 25.68 -19.39
CA ALA H 37 17.76 26.25 -20.60
C ALA H 37 17.43 27.75 -20.75
N ILE H 38 16.29 28.17 -20.20
CA ILE H 38 15.87 29.57 -20.26
C ILE H 38 16.53 30.35 -19.12
N ASP H 39 16.44 29.79 -17.93
CA ASP H 39 17.04 30.38 -16.72
C ASP H 39 17.71 29.30 -15.93
N ASP H 40 18.96 29.23 -16.11
CA ASP H 40 19.75 28.25 -15.48
C ASP H 40 20.10 28.68 -14.05
N ASN H 41 19.13 28.55 -13.15
CA ASN H 41 19.33 28.92 -11.75
C ASN H 41 19.12 27.74 -10.79
N ALA H 42 19.27 28.01 -9.50
CA ALA H 42 19.13 26.99 -8.46
C ALA H 42 17.72 26.40 -8.34
N ASP H 43 16.69 27.23 -8.51
CA ASP H 43 15.30 26.76 -8.42
C ASP H 43 14.96 25.76 -9.52
N ASN H 44 15.30 26.09 -10.77
CA ASN H 44 14.99 25.20 -11.90
C ASN H 44 15.83 23.93 -11.89
N LEU H 45 17.06 24.04 -11.39
CA LEU H 45 17.94 22.87 -11.31
C LEU H 45 17.31 21.95 -10.26
N GLY H 46 16.79 22.56 -9.20
CA GLY H 46 16.16 21.81 -8.12
C GLY H 46 14.90 21.08 -8.56
N GLU H 47 14.11 21.71 -9.42
CA GLU H 47 12.89 21.09 -9.93
C GLU H 47 13.26 19.86 -10.77
N LEU H 48 14.22 20.05 -11.68
CA LEU H 48 14.71 18.99 -12.54
C LEU H 48 15.31 17.87 -11.66
N ARG H 49 16.13 18.28 -10.69
CA ARG H 49 16.78 17.35 -9.78
C ARG H 49 15.80 16.45 -9.02
N ARG H 50 14.75 17.05 -8.46
CA ARG H 50 13.73 16.30 -7.71
C ARG H 50 13.05 15.32 -8.64
N CYS H 51 12.53 15.83 -9.75
CA CYS H 51 11.84 14.98 -10.72
C CYS H 51 12.74 13.86 -11.26
N THR H 52 14.03 14.16 -11.44
CA THR H 52 14.99 13.18 -11.95
C THR H 52 15.30 12.11 -10.90
N GLY H 53 15.53 12.54 -9.66
CA GLY H 53 15.81 11.61 -8.59
C GLY H 53 14.63 10.69 -8.34
N LYS H 54 13.43 11.27 -8.38
CA LYS H 54 12.21 10.50 -8.15
C LYS H 54 11.95 9.56 -9.33
N HIS H 55 12.09 10.05 -10.56
CA HIS H 55 11.85 9.20 -11.72
C HIS H 55 12.82 8.04 -11.78
N PHE H 56 14.10 8.31 -11.60
CA PHE H 56 15.10 7.25 -11.65
C PHE H 56 14.82 6.20 -10.60
N LEU H 57 14.49 6.63 -9.38
CA LEU H 57 14.19 5.68 -8.32
C LEU H 57 12.98 4.82 -8.68
N ASN H 58 11.88 5.47 -9.08
CA ASN H 58 10.67 4.75 -9.45
C ASN H 58 10.90 3.77 -10.61
N GLU H 59 11.61 4.24 -11.63
CA GLU H 59 11.88 3.42 -12.80
C GLU H 59 12.72 2.21 -12.40
N GLN H 60 13.62 2.43 -11.44
CA GLN H 60 14.49 1.37 -10.93
C GLN H 60 13.66 0.35 -10.18
N VAL H 61 12.68 0.83 -9.42
CA VAL H 61 11.78 -0.05 -8.68
C VAL H 61 11.00 -0.92 -9.66
N LEU H 62 10.49 -0.33 -10.74
CA LEU H 62 9.75 -1.10 -11.74
C LEU H 62 10.64 -2.14 -12.43
N MET H 63 11.92 -1.78 -12.65
CA MET H 63 12.85 -2.72 -13.27
C MET H 63 13.14 -3.89 -12.34
N GLN H 64 13.38 -3.58 -11.07
CA GLN H 64 13.66 -4.62 -10.09
C GLN H 64 12.44 -5.51 -9.84
N ALA H 65 11.23 -5.00 -10.11
CA ALA H 65 10.00 -5.77 -9.89
C ALA H 65 9.94 -7.02 -10.77
N SER H 66 10.63 -6.95 -11.92
CA SER H 66 10.69 -8.06 -12.85
C SER H 66 12.13 -8.54 -13.01
N GLN H 67 12.99 -8.10 -12.09
CA GLN H 67 14.41 -8.46 -12.09
C GLN H 67 15.04 -8.21 -13.45
N TYR H 68 14.84 -7.01 -13.96
CA TYR H 68 15.33 -6.60 -15.26
C TYR H 68 16.78 -7.00 -15.46
N GLN H 69 17.01 -7.75 -16.54
CA GLN H 69 18.34 -8.27 -16.87
C GLN H 69 19.45 -7.21 -16.91
N PHE H 70 19.17 -6.06 -17.51
CA PHE H 70 20.16 -5.01 -17.63
C PHE H 70 19.95 -3.85 -16.66
N TYR H 71 19.54 -4.20 -15.44
CA TYR H 71 19.31 -3.21 -14.39
C TYR H 71 20.59 -2.49 -13.97
N ASP H 72 21.65 -3.25 -13.71
CA ASP H 72 22.93 -2.67 -13.28
C ASP H 72 23.45 -1.57 -14.20
N GLU H 73 23.65 -1.88 -15.48
CA GLU H 73 24.17 -0.89 -16.41
C GLU H 73 23.22 0.30 -16.49
N HIS H 74 21.92 0.04 -16.42
CA HIS H 74 20.92 1.09 -16.48
C HIS H 74 21.07 2.03 -15.28
N LYS H 75 21.22 1.45 -14.10
CA LYS H 75 21.39 2.21 -12.88
C LYS H 75 22.65 3.07 -12.96
N LYS H 76 23.70 2.56 -13.62
CA LYS H 76 24.96 3.30 -13.77
C LYS H 76 24.74 4.56 -14.61
N GLU H 77 23.88 4.46 -15.62
CA GLU H 77 23.56 5.60 -16.47
C GLU H 77 22.86 6.67 -15.63
N HIS H 78 21.87 6.23 -14.85
CA HIS H 78 21.13 7.12 -13.96
C HIS H 78 22.08 7.87 -13.05
N GLU H 79 23.01 7.14 -12.43
CA GLU H 79 23.99 7.73 -11.52
C GLU H 79 24.81 8.86 -12.18
N THR H 80 25.17 8.64 -13.45
CA THR H 80 25.94 9.63 -14.20
C THR H 80 25.22 10.94 -14.37
N PHE H 81 23.95 10.89 -14.73
CA PHE H 81 23.16 12.12 -14.89
C PHE H 81 22.95 12.84 -13.55
N ILE H 82 22.63 12.07 -12.51
CA ILE H 82 22.42 12.64 -11.17
C ILE H 82 23.68 13.37 -10.74
N HIS H 83 24.82 12.71 -10.90
CA HIS H 83 26.12 13.26 -10.56
C HIS H 83 26.40 14.56 -11.33
N ALA H 84 25.96 14.61 -12.59
CA ALA H 84 26.15 15.78 -13.43
C ALA H 84 25.29 16.92 -12.91
N LEU H 85 24.06 16.60 -12.49
CA LEU H 85 23.16 17.60 -11.95
C LEU H 85 23.66 18.07 -10.59
N ASP H 86 24.29 17.17 -9.83
CA ASP H 86 24.81 17.52 -8.50
C ASP H 86 26.15 18.25 -8.53
N ASN H 87 26.71 18.33 -9.73
CA ASN H 87 27.97 19.03 -9.98
C ASN H 87 27.73 19.73 -11.31
N TRP H 88 26.65 20.52 -11.32
CA TRP H 88 26.20 21.26 -12.48
C TRP H 88 27.14 22.37 -12.91
N LYS H 89 27.47 22.35 -14.20
CA LYS H 89 28.38 23.31 -14.79
C LYS H 89 27.72 24.11 -15.93
N GLY H 90 26.38 24.02 -16.00
CA GLY H 90 25.64 24.76 -17.02
C GLY H 90 25.61 24.25 -18.45
N ASP H 91 25.95 22.98 -18.68
CA ASP H 91 25.91 22.46 -20.04
C ASP H 91 24.50 21.92 -20.34
N VAL H 92 23.57 22.82 -20.64
CA VAL H 92 22.20 22.43 -20.94
C VAL H 92 22.09 21.60 -22.22
N LYS H 93 22.89 21.94 -23.23
CA LYS H 93 22.86 21.19 -24.49
C LYS H 93 23.20 19.74 -24.24
N TRP H 94 24.14 19.50 -23.33
CA TRP H 94 24.56 18.15 -22.98
C TRP H 94 23.41 17.41 -22.31
N ALA H 95 22.76 18.06 -21.34
CA ALA H 95 21.63 17.48 -20.61
C ALA H 95 20.50 17.15 -21.56
N LYS H 96 20.23 18.08 -22.49
CA LYS H 96 19.17 17.88 -23.47
C LYS H 96 19.44 16.65 -24.30
N SER H 97 20.68 16.46 -24.74
CA SER H 97 21.02 15.28 -25.53
C SER H 97 21.10 14.03 -24.65
N TRP H 98 21.57 14.18 -23.42
CA TRP H 98 21.66 13.03 -22.52
C TRP H 98 20.30 12.39 -22.29
N LEU H 99 19.29 13.22 -21.97
CA LEU H 99 17.93 12.73 -21.72
C LEU H 99 17.31 12.07 -22.95
N VAL H 100 17.41 12.74 -24.10
CA VAL H 100 16.88 12.21 -25.36
C VAL H 100 17.45 10.83 -25.68
N ASN H 101 18.76 10.71 -25.57
CA ASN H 101 19.44 9.45 -25.85
C ASN H 101 19.21 8.40 -24.78
N HIS H 102 19.17 8.81 -23.52
CA HIS H 102 18.93 7.84 -22.43
C HIS H 102 17.59 7.14 -22.62
N ILE H 103 16.57 7.92 -22.93
CA ILE H 103 15.24 7.36 -23.11
C ILE H 103 15.16 6.43 -24.33
N LYS H 104 15.57 6.96 -25.47
CA LYS H 104 15.49 6.22 -26.71
C LYS H 104 16.43 5.03 -26.91
N THR H 105 17.56 5.00 -26.20
CA THR H 105 18.50 3.88 -26.33
C THR H 105 18.54 2.99 -25.08
N ILE H 106 18.53 3.61 -23.90
CA ILE H 106 18.60 2.84 -22.65
C ILE H 106 17.23 2.44 -22.09
N ASP H 107 16.35 3.41 -21.88
CA ASP H 107 15.02 3.11 -21.39
C ASP H 107 14.29 2.19 -22.35
N PHE H 108 14.38 2.45 -23.65
CA PHE H 108 13.68 1.61 -24.63
C PHE H 108 14.07 0.13 -24.56
N LYS H 109 15.22 -0.17 -23.95
CA LYS H 109 15.69 -1.55 -23.80
C LYS H 109 14.78 -2.37 -22.89
N TYR H 110 14.12 -1.73 -21.90
CA TYR H 110 13.24 -2.45 -21.00
C TYR H 110 11.81 -2.62 -21.51
N LYS H 111 11.54 -2.14 -22.72
CA LYS H 111 10.20 -2.26 -23.28
C LYS H 111 9.75 -3.71 -23.35
N GLY H 112 8.60 -3.97 -22.72
CA GLY H 112 8.03 -5.31 -22.69
C GLY H 112 8.75 -6.26 -21.75
N LYS H 113 9.70 -5.73 -20.99
CA LYS H 113 10.45 -6.56 -20.06
C LYS H 113 10.19 -6.24 -18.58
N ILE H 114 9.39 -5.22 -18.32
CA ILE H 114 9.07 -4.83 -16.94
C ILE H 114 7.60 -4.43 -16.78
CL CL I . -5.17 20.60 -13.44
FE1 FEO J . -8.26 20.48 -10.08
FE2 FEO J . -5.21 20.15 -11.10
O FEO J . -6.96 19.65 -11.28
CL CL K . 12.52 17.64 12.95
FE1 FEO L . 15.24 16.09 9.59
FE2 FEO L . 12.37 16.94 10.62
O FEO L . 13.89 16.15 10.98
CL CL M . -9.92 14.58 18.31
FE1 FEO N . -13.01 11.48 16.98
FE2 FEO N . -9.88 12.24 17.58
O FEO N . -11.50 12.57 16.73
CL CL O . 5.72 -13.23 20.69
FE1 FEO P . 9.02 -10.10 20.06
FE2 FEO P . 5.86 -10.93 20.01
O FEO P . 7.61 -11.33 19.94
CL CL Q . -15.14 -16.66 11.21
FE1 FEO R . -17.13 -15.57 7.18
FE2 FEO R . -14.50 -16.28 8.89
O FEO R . -16.01 -15.60 8.62
CL CL S . 7.84 -21.35 -10.67
FE1 FEO T . 10.05 -20.98 -6.70
FE2 FEO T . 7.24 -20.74 -8.34
O FEO T . 8.90 -20.87 -8.09
CL CL U . -10.29 -10.71 -20.39
FE1 FEO V . -12.18 -6.52 -19.91
FE2 FEO V . -9.61 -8.45 -19.72
O FEO V . -11.29 -8.13 -19.67
CL CL W . 14.59 9.34 -18.37
FE1 FEO X . 16.21 5.31 -17.21
FE2 FEO X . 13.67 7.26 -17.81
O FEO X . 15.27 6.70 -17.25
#